data_3I7P
#
_entry.id   3I7P
#
_cell.length_a   63.599
_cell.length_b   132.522
_cell.length_c   183.052
_cell.angle_alpha   90.00
_cell.angle_beta   90.00
_cell.angle_gamma   90.00
#
_symmetry.space_group_name_H-M   'P 21 21 21'
#
loop_
_entity.id
_entity.type
_entity.pdbx_description
1 polymer 'DNA damage-binding protein 1'
2 polymer 'WD repeat-containing protein 40A'
#
loop_
_entity_poly.entity_id
_entity_poly.type
_entity_poly.pdbx_seq_one_letter_code
_entity_poly.pdbx_strand_id
1 'polypeptide(L)'
;GSHMSYNYVVTAQKPTAVNGCVTGHFTSAEDLNLLIAKNTRLEIYVVTAEGLRPVKEVGMYGKIAVMELFRPKGESKDLL
FILTAKYNACILEYKQSGESIDIITRAHGNVQDRIGRPSETGIIGIIDPECRMIGLRLYDGLFKVIPLDRDNKELKAFNI
RLEELHVIDVKFLYGCQAPTICFVYQDPQGRHVKTYEVSLREKEFNKGPWKQENVEAEASMVIAVPEPFGGAIIIGQESI
TYHNGDKYLAIAPPIIKQSTIVCHNRVDPNGSRYLLGDMEGRLFMLLLEKEEQMDGTVTLKDLRVELLGETSIAECLTYL
DNGVVFVGSRLGDSQLVKLNVDSNEQGSYVVAMETFTNLGPIVDMCVVDLERQGQGQLVTCSGAFKEGSLRIIRNGIGIH
EHASIDLPGIKGLWPLRSDPNRETYDTLVLSFVGQTRVLMLNGEEVEETELMGFVDDQQTFFCGNVAHQQLIQITSASVR
LVSQEPKALVSEWKEPQAKNISVASCNSSQVVVAVGRALYYLQIHPQELRQISHTEMEHEVACLDITPLGDSNGLSPLCA
IGLWTDISARILKLPSFELLHKEMLGGEIIPRSILMTTFESSHYLLCALGDGALFYFGLNIETGLLSDRKKVTLGTQPTV
LRTFRSLSTTNVFACSDRPTVIYSSNHKLVFSNVNLKEVNYMCPLNSDGYPDSLALANNSTLTIGTIDEIQKLHIRTVPL
YESPRKICYQEVSQCFGVLSSRIEVQDTSGGTTALRPSASTQALSSSVSSSKLFSSSTAPHETSFGEEVEVHNLLIIDQH
TFEVLHAHQFLQNEYALSLVSCKLGKDPNTYFIVGTAMVYPEEAEPKQGRIVVFQYSDGKLQTVAEKEVKGAVYSMVEFN
GKLLASINSTVRLYEWTTEKDVRTECNHYNNIMALYLKTKGDFILVGDLMRSVLLLAYKPMEGNFEEIARDFNPNWMSAV
EILDDDNFLGAENAFNLFVCQKDSAATTDEERQHLQEVGLFHLGEFVNVFCHGSLVMQNLGETSTPTQGSVLFGTVNGMI
GLVTSLSESWYNLLLDMQNRLNKVIKSVGKIEHSFWRSFHTERKTEPATGFIDGDLIESFLDISRPKMQEVVANLQYDDG
SGMKREATADDLIKVVEELTRIH
;
A
2 'polypeptide(L)' SLVYYLKNREVRL B
#
# COMPACT_ATOMS: atom_id res chain seq x y z
N MET A 4 2.03 -31.85 5.31
CA MET A 4 0.61 -31.57 4.93
C MET A 4 0.01 -30.39 5.73
N SER A 5 0.61 -29.20 5.53
CA SER A 5 0.06 -27.91 6.01
C SER A 5 -0.28 -27.07 4.80
N TYR A 6 -1.46 -26.46 4.78
CA TYR A 6 -1.92 -25.79 3.56
C TYR A 6 -2.42 -24.36 3.74
N ASN A 7 -1.50 -23.42 3.54
CA ASN A 7 -1.80 -22.01 3.66
C ASN A 7 -1.66 -21.24 2.40
N TYR A 8 -2.22 -20.05 2.44
CA TYR A 8 -2.36 -19.22 1.29
C TYR A 8 -1.91 -17.82 1.76
N VAL A 9 -0.90 -17.21 1.15
CA VAL A 9 -0.55 -15.82 1.54
C VAL A 9 -0.88 -14.85 0.43
N VAL A 10 -1.49 -13.72 0.80
CA VAL A 10 -1.77 -12.67 -0.20
C VAL A 10 -1.47 -11.30 0.30
N THR A 11 -0.99 -10.46 -0.60
CA THR A 11 -0.80 -9.05 -0.32
C THR A 11 -2.15 -8.35 -0.25
N ALA A 12 -2.39 -7.62 0.83
CA ALA A 12 -3.63 -6.89 0.93
C ALA A 12 -3.31 -5.48 0.61
N GLN A 13 -2.04 -5.14 0.79
CA GLN A 13 -1.58 -3.78 0.63
C GLN A 13 -0.11 -3.84 0.27
N LYS A 14 0.24 -3.44 -0.95
CA LYS A 14 1.64 -3.53 -1.32
C LYS A 14 2.51 -2.66 -0.36
N PRO A 15 3.78 -2.99 -0.23
CA PRO A 15 4.71 -2.17 0.56
C PRO A 15 4.58 -0.70 0.15
N THR A 16 4.65 0.18 1.13
CA THR A 16 4.49 1.61 0.89
C THR A 16 5.80 2.33 1.15
N ALA A 17 6.70 1.68 1.89
CA ALA A 17 8.00 2.30 2.18
C ALA A 17 8.95 2.32 0.99
N VAL A 18 9.89 3.22 1.03
CA VAL A 18 10.70 3.50 -0.15
C VAL A 18 12.14 3.24 0.18
N ASN A 19 12.71 2.29 -0.52
CA ASN A 19 13.99 1.77 -0.14
C ASN A 19 15.01 2.37 -1.07
N GLY A 20 14.51 2.84 -2.19
CA GLY A 20 15.38 3.22 -3.26
C GLY A 20 14.72 4.10 -4.26
N CYS A 21 15.46 5.06 -4.79
CA CYS A 21 14.94 5.87 -5.85
C CYS A 21 16.12 6.43 -6.61
N VAL A 22 15.99 6.48 -7.92
CA VAL A 22 17.08 6.87 -8.79
C VAL A 22 16.37 7.64 -9.90
N THR A 23 17.14 8.52 -10.57
CA THR A 23 16.62 9.35 -11.69
C THR A 23 17.46 9.27 -12.98
N GLY A 24 16.84 9.61 -14.11
CA GLY A 24 17.50 9.47 -15.40
C GLY A 24 16.52 9.11 -16.50
N HIS A 25 17.04 8.96 -17.71
CA HIS A 25 16.24 8.85 -18.94
C HIS A 25 16.04 7.38 -19.36
N PHE A 26 15.23 6.65 -18.58
CA PHE A 26 15.02 5.20 -18.74
C PHE A 26 14.00 4.96 -19.83
N THR A 27 13.08 5.90 -19.92
CA THR A 27 11.92 5.80 -20.77
C THR A 27 12.17 6.24 -22.23
N SER A 28 12.71 7.46 -22.38
CA SER A 28 13.16 8.06 -23.66
C SER A 28 14.42 8.83 -23.35
N ALA A 29 15.27 9.03 -24.35
CA ALA A 29 16.56 9.74 -24.17
C ALA A 29 16.24 11.17 -23.83
N GLU A 30 15.01 11.55 -24.14
CA GLU A 30 14.47 12.80 -23.70
C GLU A 30 13.22 12.42 -22.91
N ASP A 31 13.43 12.35 -21.60
CA ASP A 31 12.39 12.11 -20.64
C ASP A 31 13.13 12.10 -19.35
N LEU A 32 12.54 12.66 -18.30
CA LEU A 32 13.09 12.54 -16.97
C LEU A 32 12.22 11.54 -16.24
N ASN A 33 12.86 10.49 -15.73
CA ASN A 33 12.17 9.46 -14.97
C ASN A 33 12.54 9.45 -13.52
N LEU A 34 11.55 9.22 -12.71
CA LEU A 34 11.83 8.86 -11.37
C LEU A 34 11.58 7.37 -11.33
N LEU A 35 12.65 6.62 -11.03
CA LEU A 35 12.50 5.24 -10.66
C LEU A 35 12.36 5.14 -9.15
N ILE A 36 11.28 4.53 -8.68
CA ILE A 36 11.17 4.30 -7.26
C ILE A 36 11.10 2.82 -6.96
N ALA A 37 12.01 2.38 -6.09
CA ALA A 37 12.07 1.03 -5.53
C ALA A 37 11.27 0.92 -4.24
N LYS A 38 10.24 0.08 -4.24
CA LYS A 38 9.57 -0.26 -3.02
C LYS A 38 10.30 -1.45 -2.38
N ASN A 39 9.75 -2.64 -2.41
CA ASN A 39 10.64 -3.68 -1.91
C ASN A 39 10.88 -4.58 -3.08
N THR A 40 9.79 -4.98 -3.70
CA THR A 40 9.70 -5.91 -4.79
C THR A 40 8.69 -5.29 -5.74
N ARG A 41 8.73 -3.96 -5.78
CA ARG A 41 7.92 -3.18 -6.69
C ARG A 41 8.83 -2.12 -7.26
N LEU A 42 8.73 -1.94 -8.55
CA LEU A 42 9.49 -0.91 -9.17
C LEU A 42 8.45 -0.03 -9.81
N GLU A 43 8.41 1.23 -9.41
CA GLU A 43 7.55 2.25 -9.98
C GLU A 43 8.37 3.10 -10.93
N ILE A 44 7.80 3.34 -12.11
CA ILE A 44 8.39 4.23 -13.08
C ILE A 44 7.46 5.43 -13.28
N TYR A 45 8.04 6.61 -13.30
CA TYR A 45 7.26 7.79 -13.49
C TYR A 45 7.92 8.64 -14.55
N VAL A 46 7.14 9.53 -15.16
CA VAL A 46 7.75 10.64 -15.87
C VAL A 46 7.50 11.89 -15.05
N VAL A 47 8.57 12.66 -14.91
CA VAL A 47 8.56 13.99 -14.29
C VAL A 47 7.96 15.01 -15.27
N THR A 48 7.06 15.83 -14.75
CA THR A 48 6.32 16.80 -15.54
C THR A 48 6.13 18.07 -14.73
N ALA A 49 5.37 19.01 -15.27
CA ALA A 49 5.01 20.24 -14.57
C ALA A 49 4.20 19.95 -13.31
N GLU A 50 3.20 19.06 -13.44
CA GLU A 50 2.34 18.69 -12.31
C GLU A 50 3.13 17.94 -11.23
N GLY A 51 4.24 17.34 -11.63
CA GLY A 51 4.94 16.36 -10.82
C GLY A 51 5.17 15.04 -11.57
N LEU A 52 4.51 13.98 -11.13
CA LEU A 52 4.85 12.63 -11.60
C LEU A 52 3.77 11.93 -12.47
N ARG A 53 4.10 11.68 -13.74
CA ARG A 53 3.22 10.91 -14.61
C ARG A 53 3.50 9.43 -14.43
N PRO A 54 2.58 8.71 -13.75
CA PRO A 54 2.72 7.25 -13.61
C PRO A 54 2.75 6.46 -14.94
N VAL A 55 3.80 5.69 -15.13
CA VAL A 55 3.95 5.03 -16.39
C VAL A 55 3.91 3.54 -16.25
N LYS A 56 4.77 2.99 -15.39
CA LYS A 56 4.81 1.55 -15.25
C LYS A 56 5.29 1.08 -13.90
N GLU A 57 4.50 0.14 -13.40
CA GLU A 57 4.62 -0.41 -12.09
C GLU A 57 4.78 -1.87 -12.36
N VAL A 58 6.03 -2.30 -12.42
CA VAL A 58 6.34 -3.70 -12.48
C VAL A 58 6.75 -4.22 -11.14
N GLY A 59 6.53 -5.51 -10.92
CA GLY A 59 6.97 -6.17 -9.70
C GLY A 59 8.08 -7.14 -9.99
N MET A 60 8.86 -7.44 -8.96
CA MET A 60 9.96 -8.39 -9.09
C MET A 60 9.88 -9.51 -8.09
N TYR A 61 10.66 -10.56 -8.36
CA TYR A 61 10.73 -11.74 -7.50
C TYR A 61 11.96 -11.70 -6.63
N GLY A 62 12.20 -10.54 -6.02
CA GLY A 62 13.39 -10.36 -5.19
C GLY A 62 13.27 -9.02 -4.50
N LYS A 63 14.09 -8.76 -3.49
CA LYS A 63 14.13 -7.43 -2.88
C LYS A 63 15.21 -6.62 -3.57
N ILE A 64 14.80 -5.52 -4.16
CA ILE A 64 15.75 -4.62 -4.76
C ILE A 64 16.79 -4.08 -3.76
N ALA A 65 18.03 -4.56 -3.90
CA ALA A 65 19.09 -4.16 -2.99
C ALA A 65 20.02 -3.15 -3.63
N VAL A 66 19.98 -3.07 -4.95
CA VAL A 66 20.77 -2.14 -5.73
C VAL A 66 19.89 -1.75 -6.91
N MET A 67 19.88 -0.48 -7.25
CA MET A 67 19.09 0.00 -8.39
C MET A 67 19.83 1.15 -9.09
N GLU A 68 20.46 0.90 -10.23
CA GLU A 68 21.11 1.98 -10.94
C GLU A 68 20.60 2.05 -12.36
N LEU A 69 20.52 3.27 -12.88
CA LEU A 69 20.34 3.48 -14.28
C LEU A 69 21.75 3.76 -14.78
N PHE A 70 22.03 3.46 -16.06
CA PHE A 70 23.39 3.65 -16.63
C PHE A 70 23.32 3.50 -18.12
N ARG A 71 24.36 3.98 -18.80
CA ARG A 71 24.39 4.04 -20.27
C ARG A 71 25.78 3.78 -20.85
N PRO A 72 25.98 2.61 -21.49
CA PRO A 72 27.22 2.33 -22.22
C PRO A 72 27.15 2.96 -23.61
N LYS A 73 28.20 2.73 -24.41
CA LYS A 73 28.34 3.41 -25.70
C LYS A 73 27.27 2.97 -26.69
N GLY A 74 26.91 3.87 -27.60
CA GLY A 74 25.96 3.56 -28.68
C GLY A 74 24.62 3.03 -28.22
N GLU A 75 24.27 3.31 -26.97
CA GLU A 75 22.99 2.93 -26.42
C GLU A 75 21.99 4.07 -26.58
N SER A 76 20.86 3.80 -27.24
CA SER A 76 19.86 4.85 -27.50
C SER A 76 19.52 5.68 -26.26
N LYS A 77 19.07 4.99 -25.20
CA LYS A 77 18.72 5.59 -23.88
C LYS A 77 19.32 4.75 -22.74
N ASP A 78 18.90 5.04 -21.50
CA ASP A 78 19.41 4.35 -20.28
C ASP A 78 18.88 2.94 -20.00
N LEU A 79 19.78 2.14 -19.47
CA LEU A 79 19.46 0.79 -19.07
C LEU A 79 19.48 0.71 -17.55
N LEU A 80 18.76 -0.27 -17.01
CA LEU A 80 18.58 -0.37 -15.58
C LEU A 80 19.23 -1.62 -15.03
N PHE A 81 20.13 -1.43 -14.06
CA PHE A 81 20.80 -2.56 -13.43
C PHE A 81 20.18 -2.89 -12.09
N ILE A 82 19.74 -4.13 -11.90
CA ILE A 82 19.11 -4.44 -10.62
C ILE A 82 19.70 -5.62 -9.92
N LEU A 83 20.19 -5.36 -8.72
CA LEU A 83 20.57 -6.45 -7.88
C LEU A 83 19.57 -6.74 -6.77
N THR A 84 19.12 -7.97 -6.73
CA THR A 84 18.32 -8.47 -5.66
C THR A 84 19.16 -8.92 -4.46
N ALA A 85 18.47 -9.17 -3.36
CA ALA A 85 19.10 -9.55 -2.11
C ALA A 85 19.42 -11.05 -2.04
N LYS A 86 18.94 -11.84 -2.99
CA LYS A 86 19.38 -13.23 -3.14
C LYS A 86 20.25 -13.22 -4.38
N TYR A 87 20.92 -12.10 -4.52
CA TYR A 87 22.00 -11.98 -5.42
C TYR A 87 21.57 -12.23 -6.85
N ASN A 88 20.27 -12.10 -7.11
CA ASN A 88 19.72 -11.99 -8.50
C ASN A 88 20.11 -10.70 -9.21
N ALA A 89 21.15 -10.73 -10.02
CA ALA A 89 21.51 -9.56 -10.81
C ALA A 89 20.74 -9.66 -12.09
N CYS A 90 20.57 -8.54 -12.79
CA CYS A 90 19.86 -8.53 -14.08
C CYS A 90 19.81 -7.12 -14.65
N ILE A 91 19.67 -7.00 -15.96
CA ILE A 91 19.63 -5.68 -16.60
C ILE A 91 18.33 -5.43 -17.37
N LEU A 92 17.74 -4.26 -17.21
CA LEU A 92 16.46 -4.06 -17.84
C LEU A 92 16.50 -2.92 -18.83
N GLU A 93 15.60 -3.03 -19.80
CA GLU A 93 15.39 -2.03 -20.84
C GLU A 93 13.91 -1.68 -20.89
N TYR A 94 13.62 -0.39 -21.08
CA TYR A 94 12.24 0.05 -21.24
C TYR A 94 11.85 -0.04 -22.68
N LYS A 95 10.70 -0.66 -22.93
CA LYS A 95 10.35 -1.14 -24.27
C LYS A 95 8.88 -0.97 -24.51
N GLN A 96 8.51 0.03 -25.28
CA GLN A 96 7.10 0.21 -25.57
C GLN A 96 6.74 -0.15 -26.99
N SER A 97 5.99 -1.23 -27.16
CA SER A 97 5.44 -1.60 -28.46
C SER A 97 4.20 -0.75 -28.74
N GLY A 98 4.43 0.53 -29.03
CA GLY A 98 3.40 1.49 -29.42
C GLY A 98 2.38 1.85 -28.37
N GLU A 99 1.76 0.83 -27.80
CA GLU A 99 0.73 1.03 -26.79
C GLU A 99 0.94 -0.01 -25.68
N SER A 100 1.58 -1.12 -26.03
CA SER A 100 1.98 -2.12 -25.05
C SER A 100 3.32 -1.74 -24.48
N ILE A 101 3.44 -1.91 -23.18
CA ILE A 101 4.67 -1.62 -22.47
C ILE A 101 5.26 -2.88 -21.88
N ASP A 102 6.57 -2.97 -22.02
CA ASP A 102 7.33 -4.09 -21.46
C ASP A 102 8.63 -3.59 -20.89
N ILE A 103 8.98 -4.15 -19.73
CA ILE A 103 10.34 -4.03 -19.27
C ILE A 103 11.01 -5.36 -19.61
N ILE A 104 12.00 -5.33 -20.53
CA ILE A 104 12.65 -6.57 -21.01
C ILE A 104 14.04 -6.81 -20.37
N THR A 105 14.33 -8.07 -20.05
CA THR A 105 15.60 -8.42 -19.45
C THR A 105 16.66 -8.61 -20.52
N ARG A 106 17.51 -7.62 -20.68
CA ARG A 106 18.66 -7.67 -21.58
C ARG A 106 19.73 -8.63 -21.11
N ALA A 107 19.80 -8.87 -19.80
CA ALA A 107 20.79 -9.81 -19.27
C ALA A 107 20.41 -10.24 -17.87
N HIS A 108 20.97 -11.34 -17.36
CA HIS A 108 20.69 -11.74 -15.99
C HIS A 108 21.51 -12.90 -15.53
N GLY A 109 21.93 -12.88 -14.28
CA GLY A 109 22.53 -14.06 -13.70
C GLY A 109 22.57 -13.96 -12.20
N ASN A 110 22.63 -15.09 -11.51
CA ASN A 110 22.77 -15.02 -10.08
C ASN A 110 24.23 -14.87 -9.65
N VAL A 111 24.52 -13.73 -9.01
CA VAL A 111 25.89 -13.38 -8.60
C VAL A 111 26.42 -13.79 -7.22
N GLN A 112 25.68 -14.56 -6.46
CA GLN A 112 26.17 -14.93 -5.15
C GLN A 112 27.32 -15.90 -5.27
N ASP A 113 28.03 -16.08 -4.15
CA ASP A 113 29.16 -16.97 -4.02
C ASP A 113 28.93 -17.77 -2.76
N ARG A 114 29.31 -19.07 -2.76
CA ARG A 114 29.08 -19.97 -1.61
C ARG A 114 29.97 -19.54 -0.45
N ILE A 115 31.15 -19.05 -0.83
CA ILE A 115 32.08 -18.42 0.05
C ILE A 115 31.59 -17.01 0.28
N GLY A 116 31.81 -16.51 1.47
CA GLY A 116 31.43 -15.14 1.78
C GLY A 116 30.45 -14.99 2.91
N ARG A 117 30.84 -14.19 3.90
CA ARG A 117 29.97 -13.78 4.99
C ARG A 117 29.59 -12.35 4.63
N PRO A 118 28.26 -12.07 4.49
CA PRO A 118 27.84 -10.82 3.85
C PRO A 118 28.15 -9.69 4.81
N SER A 119 28.35 -8.48 4.31
CA SER A 119 29.30 -7.60 4.98
C SER A 119 28.73 -6.50 5.90
N GLU A 120 29.56 -5.50 6.15
CA GLU A 120 29.21 -4.41 7.03
C GLU A 120 28.85 -3.18 6.20
N THR A 121 27.56 -2.84 6.23
CA THR A 121 26.93 -1.84 5.33
C THR A 121 26.09 -2.52 4.23
N GLY A 122 26.02 -3.85 4.31
CA GLY A 122 25.29 -4.70 3.37
C GLY A 122 25.72 -4.64 1.90
N ILE A 123 24.81 -5.03 1.01
CA ILE A 123 25.15 -5.05 -0.39
C ILE A 123 25.39 -3.62 -0.83
N ILE A 124 26.33 -3.44 -1.76
CA ILE A 124 26.65 -2.15 -2.35
C ILE A 124 27.04 -2.48 -3.76
N GLY A 125 26.35 -1.92 -4.75
CA GLY A 125 26.66 -2.17 -6.14
C GLY A 125 26.88 -0.85 -6.86
N ILE A 126 28.00 -0.69 -7.52
CA ILE A 126 28.30 0.62 -8.09
C ILE A 126 28.70 0.41 -9.54
N ILE A 127 28.68 1.46 -10.35
CA ILE A 127 28.92 1.35 -11.79
C ILE A 127 29.86 2.47 -12.28
N ASP A 128 30.94 2.11 -12.97
CA ASP A 128 31.97 3.08 -13.36
C ASP A 128 31.36 4.10 -14.31
N PRO A 129 31.84 5.37 -14.27
CA PRO A 129 31.41 6.40 -15.22
C PRO A 129 31.41 5.94 -16.69
N GLU A 130 32.51 5.35 -17.16
CA GLU A 130 32.60 4.98 -18.58
C GLU A 130 31.73 3.79 -18.97
N CYS A 131 31.18 3.12 -17.97
CA CYS A 131 30.32 1.95 -18.15
C CYS A 131 31.07 0.74 -18.63
N ARG A 132 32.34 0.69 -18.26
CA ARG A 132 33.14 -0.49 -18.48
C ARG A 132 32.71 -1.63 -17.55
N MET A 133 31.99 -1.32 -16.45
CA MET A 133 31.65 -2.37 -15.49
C MET A 133 30.73 -2.02 -14.32
N ILE A 134 30.43 -3.06 -13.52
CA ILE A 134 29.65 -2.98 -12.31
C ILE A 134 30.47 -3.65 -11.22
N GLY A 135 30.55 -3.01 -10.06
CA GLY A 135 31.36 -3.50 -8.96
C GLY A 135 30.44 -3.79 -7.79
N LEU A 136 30.73 -4.85 -7.06
CA LEU A 136 29.84 -5.30 -6.04
C LEU A 136 30.59 -5.61 -4.76
N ARG A 137 29.93 -5.31 -3.66
CA ARG A 137 30.48 -5.64 -2.40
C ARG A 137 29.37 -6.44 -1.78
N LEU A 138 29.40 -7.74 -2.00
CA LEU A 138 28.44 -8.58 -1.38
C LEU A 138 29.09 -9.13 -0.14
N TYR A 139 30.39 -9.39 -0.21
CA TYR A 139 31.04 -10.02 0.94
C TYR A 139 32.28 -9.28 1.40
N ASP A 140 32.55 -9.36 2.70
CA ASP A 140 33.85 -8.94 3.26
C ASP A 140 34.99 -9.60 2.51
N GLY A 141 36.07 -8.88 2.27
CA GLY A 141 37.22 -9.52 1.66
C GLY A 141 37.15 -9.56 0.16
N LEU A 142 35.98 -9.80 -0.42
CA LEU A 142 35.95 -9.88 -1.87
C LEU A 142 35.35 -8.66 -2.46
N PHE A 143 35.63 -8.46 -3.74
CA PHE A 143 35.02 -7.43 -4.49
C PHE A 143 34.71 -8.01 -5.86
N LYS A 144 33.45 -8.31 -6.10
CA LYS A 144 32.95 -8.84 -7.39
C LYS A 144 33.01 -7.78 -8.49
N VAL A 145 33.25 -8.21 -9.72
CA VAL A 145 33.23 -7.28 -10.84
C VAL A 145 32.56 -7.97 -11.99
N ILE A 146 31.45 -7.39 -12.44
CA ILE A 146 30.81 -7.84 -13.65
C ILE A 146 31.22 -6.90 -14.73
N PRO A 147 32.09 -7.35 -15.67
CA PRO A 147 32.50 -6.57 -16.83
C PRO A 147 31.32 -6.48 -17.79
N LEU A 148 31.01 -5.27 -18.24
CA LEU A 148 29.96 -5.09 -19.24
C LEU A 148 30.53 -5.21 -20.64
N ASP A 149 29.80 -5.94 -21.47
CA ASP A 149 30.16 -6.22 -22.87
C ASP A 149 28.89 -6.38 -23.67
N ARG A 150 29.04 -6.67 -24.95
CA ARG A 150 27.89 -6.83 -25.83
C ARG A 150 27.14 -8.06 -25.34
N ASP A 151 27.95 -9.01 -24.90
CA ASP A 151 27.51 -10.32 -24.49
C ASP A 151 27.36 -10.30 -22.99
N ASN A 152 28.14 -11.13 -22.29
CA ASN A 152 28.03 -11.31 -20.83
C ASN A 152 26.57 -11.34 -20.36
N LYS A 153 25.68 -11.75 -21.27
CA LYS A 153 24.21 -11.79 -21.07
C LYS A 153 23.80 -12.61 -19.84
N GLU A 154 24.77 -13.37 -19.33
CA GLU A 154 24.61 -14.12 -18.10
C GLU A 154 25.50 -13.57 -16.94
N LEU A 155 25.86 -12.29 -17.01
CA LEU A 155 26.64 -11.56 -15.97
C LEU A 155 27.64 -12.40 -15.21
N LYS A 156 28.64 -12.86 -15.94
CA LYS A 156 29.70 -13.64 -15.32
C LYS A 156 30.62 -12.61 -14.72
N ALA A 157 31.22 -12.96 -13.60
CA ALA A 157 31.97 -12.00 -12.82
C ALA A 157 33.00 -12.77 -12.09
N PHE A 158 34.14 -12.14 -11.86
CA PHE A 158 35.11 -12.69 -10.92
C PHE A 158 35.06 -11.93 -9.62
N ASN A 159 35.66 -12.49 -8.59
CA ASN A 159 35.97 -11.71 -7.43
C ASN A 159 37.43 -11.28 -7.51
N ILE A 160 37.79 -10.33 -6.67
CA ILE A 160 39.15 -9.92 -6.44
C ILE A 160 39.28 -9.90 -4.93
N ARG A 161 40.36 -10.49 -4.39
CA ARG A 161 40.55 -10.41 -2.96
C ARG A 161 40.83 -8.97 -2.50
N LEU A 162 40.27 -8.66 -1.34
CA LEU A 162 40.28 -7.31 -0.79
C LEU A 162 40.99 -7.29 0.55
N GLU A 163 42.15 -6.62 0.60
CA GLU A 163 42.98 -6.60 1.81
C GLU A 163 42.11 -6.19 3.01
N GLU A 164 41.23 -5.22 2.76
CA GLU A 164 40.41 -4.63 3.80
C GLU A 164 39.09 -5.36 4.10
N LEU A 165 39.07 -5.91 5.29
CA LEU A 165 38.05 -6.82 5.78
C LEU A 165 36.82 -6.09 6.30
N HIS A 166 36.77 -4.76 6.13
CA HIS A 166 35.71 -3.93 6.74
C HIS A 166 35.43 -2.57 6.05
N VAL A 167 35.09 -2.64 4.76
CA VAL A 167 34.70 -1.47 4.00
C VAL A 167 33.36 -0.87 4.47
N ILE A 168 33.38 0.46 4.60
CA ILE A 168 32.23 1.24 4.98
C ILE A 168 31.41 1.66 3.74
N ASP A 169 32.06 2.18 2.71
CA ASP A 169 31.33 2.59 1.50
C ASP A 169 32.32 2.78 0.32
N VAL A 170 31.86 2.55 -0.92
CA VAL A 170 32.69 2.60 -2.10
C VAL A 170 31.94 3.31 -3.20
N LYS A 171 32.70 3.91 -4.12
CA LYS A 171 32.22 4.32 -5.45
C LYS A 171 33.46 4.34 -6.32
N PHE A 172 33.24 4.44 -7.63
CA PHE A 172 34.26 4.76 -8.63
C PHE A 172 34.40 6.25 -8.66
N LEU A 173 35.57 6.70 -9.10
CA LEU A 173 35.88 8.12 -9.21
C LEU A 173 35.71 8.54 -10.63
N TYR A 174 35.29 9.79 -10.82
CA TYR A 174 35.20 10.33 -12.15
C TYR A 174 36.56 10.81 -12.58
N GLY A 175 36.71 10.88 -13.90
CA GLY A 175 37.86 11.44 -14.60
C GLY A 175 39.05 10.55 -14.34
N CYS A 176 38.96 9.30 -14.78
CA CYS A 176 39.96 8.35 -14.36
C CYS A 176 40.34 7.40 -15.48
N GLN A 177 41.62 7.44 -15.84
CA GLN A 177 42.15 6.63 -16.93
C GLN A 177 41.74 5.18 -16.76
N ALA A 178 42.10 4.60 -15.63
CA ALA A 178 41.57 3.30 -15.31
C ALA A 178 40.33 3.48 -14.45
N PRO A 179 39.35 2.55 -14.59
CA PRO A 179 38.43 2.30 -13.49
C PRO A 179 39.15 2.40 -12.14
N THR A 180 38.56 3.12 -11.19
CA THR A 180 39.20 3.37 -9.88
C THR A 180 38.18 3.45 -8.74
N ILE A 181 38.36 2.65 -7.72
CA ILE A 181 37.39 2.66 -6.65
C ILE A 181 37.96 3.49 -5.52
N CYS A 182 37.07 3.98 -4.65
CA CYS A 182 37.44 4.80 -3.51
C CYS A 182 36.58 4.46 -2.31
N PHE A 183 37.20 4.16 -1.18
CA PHE A 183 36.48 3.58 -0.05
C PHE A 183 37.06 3.88 1.35
N VAL A 184 36.22 4.41 2.20
CA VAL A 184 36.52 4.52 3.61
C VAL A 184 36.42 3.07 4.08
N TYR A 185 37.23 2.67 5.07
CA TYR A 185 37.15 1.30 5.65
C TYR A 185 37.70 1.36 7.05
N GLN A 186 37.31 0.43 7.92
CA GLN A 186 37.74 0.47 9.34
C GLN A 186 38.59 -0.73 9.79
N ASP A 187 39.77 -0.44 10.31
CA ASP A 187 40.56 -1.40 11.07
C ASP A 187 40.85 -0.70 12.39
N PRO A 188 41.62 -1.35 13.28
CA PRO A 188 41.77 -0.65 14.55
C PRO A 188 41.92 0.84 14.79
N GLN A 189 42.97 1.45 14.23
CA GLN A 189 43.43 2.80 14.59
C GLN A 189 42.49 3.93 14.21
N GLY A 190 41.33 3.53 13.67
CA GLY A 190 40.35 4.45 13.11
C GLY A 190 40.03 4.00 11.70
N ARG A 191 39.33 4.87 10.95
CA ARG A 191 39.02 4.63 9.55
C ARG A 191 40.01 5.34 8.64
N HIS A 192 39.99 4.94 7.38
CA HIS A 192 40.96 5.38 6.40
C HIS A 192 40.25 5.35 5.06
N VAL A 193 40.75 6.16 4.12
CA VAL A 193 40.24 6.22 2.74
C VAL A 193 41.31 5.74 1.76
N LYS A 194 41.01 4.67 1.07
CA LYS A 194 41.95 4.11 0.15
C LYS A 194 41.43 4.13 -1.31
N THR A 195 42.31 3.75 -2.25
CA THR A 195 42.00 3.66 -3.67
C THR A 195 42.66 2.46 -4.38
N TYR A 196 42.06 2.00 -5.47
CA TYR A 196 42.74 1.05 -6.38
C TYR A 196 42.20 1.31 -7.75
N GLU A 197 43.03 1.06 -8.78
CA GLU A 197 42.52 1.00 -10.15
C GLU A 197 41.82 -0.32 -10.30
N VAL A 198 41.17 -0.55 -11.43
CA VAL A 198 40.76 -1.91 -11.74
C VAL A 198 41.08 -2.29 -13.16
N SER A 199 42.08 -3.17 -13.26
CA SER A 199 42.48 -3.81 -14.47
C SER A 199 41.78 -5.11 -14.45
N LEU A 200 40.87 -5.26 -15.40
CA LEU A 200 40.02 -6.43 -15.55
C LEU A 200 40.66 -7.42 -16.50
N ARG A 201 41.59 -6.90 -17.31
CA ARG A 201 42.50 -7.68 -18.13
C ARG A 201 43.22 -8.74 -17.30
N GLU A 202 43.52 -8.41 -16.04
CA GLU A 202 44.37 -9.27 -15.24
C GLU A 202 43.74 -9.71 -13.95
N LYS A 203 42.46 -9.37 -13.76
CA LYS A 203 41.68 -9.77 -12.57
C LYS A 203 42.41 -9.43 -11.26
N GLU A 204 42.87 -8.19 -11.13
CA GLU A 204 43.66 -7.79 -9.98
C GLU A 204 43.49 -6.29 -9.79
N PHE A 205 44.01 -5.78 -8.69
CA PHE A 205 43.93 -4.38 -8.31
C PHE A 205 45.20 -3.61 -8.63
N ASN A 206 45.12 -2.31 -8.82
CA ASN A 206 46.27 -1.49 -9.17
C ASN A 206 46.38 -0.25 -8.30
N LYS A 207 47.51 -0.10 -7.62
CA LYS A 207 47.74 1.05 -6.75
C LYS A 207 46.92 2.25 -7.21
N GLY A 208 46.01 2.69 -6.36
CA GLY A 208 45.15 3.83 -6.66
C GLY A 208 45.95 5.12 -6.82
N PRO A 209 45.37 6.11 -7.53
CA PRO A 209 46.04 7.36 -7.89
C PRO A 209 46.54 8.14 -6.69
N TRP A 210 46.17 7.71 -5.47
CA TRP A 210 46.53 8.50 -4.33
C TRP A 210 46.44 7.87 -2.96
N LYS A 211 47.50 8.15 -2.18
CA LYS A 211 47.79 7.52 -0.92
C LYS A 211 46.55 7.41 -0.08
N GLN A 212 46.45 6.31 0.65
CA GLN A 212 45.51 6.21 1.74
C GLN A 212 45.81 7.34 2.75
N GLU A 213 44.76 8.02 3.18
CA GLU A 213 44.91 9.03 4.22
C GLU A 213 44.10 8.55 5.41
N ASN A 214 43.75 9.46 6.30
CA ASN A 214 42.71 9.19 7.28
C ASN A 214 41.43 9.92 6.96
N VAL A 215 40.33 9.37 7.47
CA VAL A 215 39.05 10.05 7.54
C VAL A 215 38.57 9.73 8.94
N GLU A 216 37.49 10.34 9.40
CA GLU A 216 37.06 10.19 10.81
C GLU A 216 36.40 8.87 11.24
N ALA A 217 36.62 8.58 12.51
CA ALA A 217 35.90 7.59 13.33
C ALA A 217 34.51 7.25 12.90
N GLU A 218 33.79 8.20 12.34
CA GLU A 218 32.40 7.95 11.99
C GLU A 218 32.06 8.23 10.54
N ALA A 219 33.10 8.31 9.71
CA ALA A 219 32.96 8.47 8.27
C ALA A 219 32.13 7.33 7.65
N SER A 220 31.18 7.67 6.77
CA SER A 220 30.19 6.71 6.29
C SER A 220 29.63 6.86 4.87
N MET A 221 29.65 8.06 4.33
CA MET A 221 29.23 8.15 2.94
C MET A 221 30.49 8.42 2.17
N VAL A 222 30.50 8.08 0.90
CA VAL A 222 31.56 8.52 0.01
C VAL A 222 30.79 9.08 -1.14
N ILE A 223 31.06 10.33 -1.50
CA ILE A 223 30.52 10.85 -2.77
C ILE A 223 31.63 11.01 -3.79
N ALA A 224 31.30 10.76 -5.06
CA ALA A 224 32.22 10.87 -6.19
C ALA A 224 31.85 12.03 -7.09
N VAL A 225 32.40 13.18 -6.75
CA VAL A 225 32.18 14.42 -7.46
C VAL A 225 32.46 14.24 -8.97
N PRO A 226 31.45 14.53 -9.82
CA PRO A 226 31.53 14.28 -11.30
C PRO A 226 32.72 14.91 -12.01
N GLU A 227 33.09 14.33 -13.15
CA GLU A 227 34.24 14.80 -13.96
C GLU A 227 34.74 16.23 -13.69
N PRO A 228 33.89 17.26 -13.86
CA PRO A 228 34.39 18.64 -13.85
C PRO A 228 35.34 18.93 -12.70
N PHE A 229 34.89 18.66 -11.47
CA PHE A 229 35.74 18.79 -10.29
C PHE A 229 36.55 17.51 -10.10
N GLY A 230 35.88 16.35 -10.23
CA GLY A 230 36.45 15.06 -9.87
C GLY A 230 36.75 15.07 -8.39
N GLY A 231 36.99 13.89 -7.81
CA GLY A 231 37.40 13.81 -6.39
C GLY A 231 36.47 12.99 -5.54
N ALA A 232 36.60 13.10 -4.24
CA ALA A 232 35.70 12.36 -3.38
C ALA A 232 35.31 13.10 -2.13
N ILE A 233 34.03 13.06 -1.82
CA ILE A 233 33.57 13.69 -0.61
C ILE A 233 33.34 12.67 0.47
N ILE A 234 33.79 12.94 1.68
CA ILE A 234 33.54 12.02 2.79
C ILE A 234 32.69 12.62 3.94
N ILE A 235 31.57 11.99 4.28
CA ILE A 235 30.76 12.54 5.35
C ILE A 235 30.82 11.74 6.62
N GLY A 236 31.02 12.43 7.72
CA GLY A 236 30.98 11.81 9.05
C GLY A 236 29.98 12.53 9.94
N GLN A 237 30.06 12.27 11.24
CA GLN A 237 29.36 13.13 12.19
C GLN A 237 30.07 14.49 12.32
N GLU A 238 29.31 15.54 12.60
CA GLU A 238 29.88 16.91 12.73
C GLU A 238 30.89 17.36 11.66
N SER A 239 31.33 16.45 10.81
CA SER A 239 32.41 16.75 9.88
C SER A 239 32.23 16.24 8.47
N ILE A 240 32.67 17.06 7.54
CA ILE A 240 32.65 16.73 6.14
C ILE A 240 33.99 17.13 5.59
N THR A 241 34.53 16.29 4.71
CA THR A 241 35.86 16.48 4.15
C THR A 241 35.87 16.02 2.70
N TYR A 242 36.83 16.54 1.96
CA TYR A 242 36.98 16.26 0.55
C TYR A 242 38.39 15.83 0.29
N HIS A 243 38.54 14.83 -0.58
CA HIS A 243 39.84 14.34 -0.99
C HIS A 243 39.96 14.28 -2.48
N ASN A 244 41.17 14.53 -2.91
CA ASN A 244 41.65 14.26 -4.24
C ASN A 244 43.15 14.29 -4.06
N GLY A 245 43.89 13.67 -4.97
CA GLY A 245 45.33 13.54 -4.84
C GLY A 245 45.84 14.15 -3.55
N ASP A 246 46.43 15.34 -3.68
CA ASP A 246 47.05 16.05 -2.56
C ASP A 246 46.18 17.23 -2.16
N LYS A 247 44.94 17.23 -2.65
CA LYS A 247 43.94 18.22 -2.31
C LYS A 247 43.19 17.77 -1.04
N TYR A 248 42.90 18.72 -0.16
CA TYR A 248 42.27 18.39 1.11
C TYR A 248 41.58 19.61 1.74
N LEU A 249 40.27 19.73 1.51
CA LEU A 249 39.43 20.72 2.19
C LEU A 249 38.61 20.05 3.29
N ALA A 250 38.12 20.79 4.28
CA ALA A 250 37.45 20.14 5.42
C ALA A 250 36.77 21.10 6.40
N ILE A 251 35.54 20.78 6.79
CA ILE A 251 34.74 21.67 7.64
C ILE A 251 34.07 20.97 8.81
N ALA A 252 33.85 21.69 9.90
CA ALA A 252 33.15 21.11 11.06
C ALA A 252 31.95 21.96 11.49
N PRO A 253 30.88 21.99 10.65
CA PRO A 253 29.77 22.95 10.88
C PRO A 253 28.89 22.48 12.03
N PRO A 254 28.94 23.19 13.15
CA PRO A 254 28.22 22.72 14.32
C PRO A 254 26.85 22.13 13.95
N ILE A 255 26.23 22.76 12.94
CA ILE A 255 24.87 22.48 12.49
C ILE A 255 24.59 21.01 12.18
N ILE A 256 25.55 20.32 11.58
CA ILE A 256 25.35 18.92 11.22
C ILE A 256 25.65 17.98 12.38
N LYS A 257 26.33 18.45 13.41
CA LYS A 257 26.62 17.56 14.52
C LYS A 257 25.36 16.99 15.14
N GLN A 258 24.30 17.81 15.18
CA GLN A 258 22.98 17.46 15.79
C GLN A 258 22.45 16.05 15.47
N SER A 259 22.79 15.53 14.30
CA SER A 259 22.31 14.24 13.88
C SER A 259 23.08 13.78 12.67
N THR A 260 22.94 12.52 12.30
CA THR A 260 23.82 11.95 11.28
C THR A 260 23.24 12.16 9.91
N ILE A 261 24.12 12.47 8.97
CA ILE A 261 23.75 12.48 7.57
C ILE A 261 23.62 11.04 7.09
N VAL A 262 22.82 10.80 6.08
CA VAL A 262 22.22 9.49 5.96
C VAL A 262 21.88 9.14 4.52
N CYS A 263 21.66 10.16 3.68
CA CYS A 263 21.41 9.96 2.26
C CYS A 263 21.69 11.27 1.62
N HIS A 264 22.24 11.23 0.41
CA HIS A 264 22.63 12.40 -0.34
C HIS A 264 22.16 12.35 -1.79
N ASN A 265 22.30 13.42 -2.53
CA ASN A 265 21.86 13.41 -3.92
C ASN A 265 22.58 14.52 -4.58
N ARG A 266 22.99 14.31 -5.85
CA ARG A 266 23.67 15.33 -6.62
C ARG A 266 22.61 16.17 -7.22
N VAL A 267 22.63 17.47 -6.93
CA VAL A 267 21.61 18.40 -7.47
C VAL A 267 22.02 18.84 -8.87
N ASP A 268 23.23 19.36 -8.97
CA ASP A 268 23.70 19.84 -10.22
C ASP A 268 24.68 18.88 -10.87
N PRO A 269 24.39 18.51 -12.13
CA PRO A 269 25.19 17.57 -12.91
C PRO A 269 26.68 17.80 -12.73
N ASN A 270 27.08 19.04 -12.48
CA ASN A 270 28.51 19.39 -12.45
C ASN A 270 29.03 19.14 -11.07
N GLY A 271 28.12 19.15 -10.09
CA GLY A 271 28.47 18.82 -8.71
C GLY A 271 28.79 20.02 -7.83
N SER A 272 28.29 21.18 -8.24
CA SER A 272 28.38 22.37 -7.41
C SER A 272 27.58 22.10 -6.14
N ARG A 273 26.47 21.36 -6.29
CA ARG A 273 25.49 21.16 -5.20
C ARG A 273 25.05 19.74 -4.96
N TYR A 274 24.69 19.45 -3.72
CA TYR A 274 24.23 18.15 -3.29
C TYR A 274 23.23 18.33 -2.15
N LEU A 275 22.22 17.45 -2.11
CA LEU A 275 21.29 17.42 -0.99
C LEU A 275 21.86 16.55 0.10
N LEU A 276 21.52 16.76 1.37
CA LEU A 276 21.92 15.80 2.38
C LEU A 276 20.76 15.53 3.33
N GLY A 277 20.50 14.26 3.60
CA GLY A 277 19.45 13.87 4.49
C GLY A 277 19.97 13.61 5.88
N ASP A 278 19.21 14.05 6.87
CA ASP A 278 19.47 13.83 8.32
C ASP A 278 18.55 12.72 8.86
N MET A 279 18.97 12.03 9.93
CA MET A 279 18.10 11.12 10.66
C MET A 279 16.96 11.95 11.19
N GLU A 280 17.17 13.26 11.27
CA GLU A 280 16.26 14.23 11.88
C GLU A 280 15.16 14.67 10.95
N GLY A 281 15.27 14.33 9.66
CA GLY A 281 14.34 14.86 8.66
C GLY A 281 14.80 16.18 8.06
N ARG A 282 15.93 16.71 8.55
CA ARG A 282 16.55 17.93 8.03
C ARG A 282 17.23 17.78 6.68
N LEU A 283 17.18 18.85 5.88
CA LEU A 283 17.62 18.80 4.51
C LEU A 283 18.76 19.74 4.42
N PHE A 284 19.89 19.34 3.88
CA PHE A 284 21.01 20.29 3.75
C PHE A 284 21.43 20.44 2.33
N MET A 285 21.84 21.64 1.98
CA MET A 285 22.59 21.88 0.76
C MET A 285 24.10 21.91 1.01
N LEU A 286 24.79 20.95 0.40
CA LEU A 286 26.25 20.99 0.38
C LEU A 286 26.66 21.64 -0.91
N LEU A 287 27.44 22.72 -0.76
CA LEU A 287 27.86 23.51 -1.90
C LEU A 287 29.37 23.54 -2.03
N LEU A 288 29.80 23.32 -3.25
CA LEU A 288 31.20 23.38 -3.53
C LEU A 288 31.48 24.66 -4.29
N GLU A 289 32.41 25.43 -3.75
CA GLU A 289 32.78 26.67 -4.38
C GLU A 289 33.88 26.44 -5.43
N LYS A 290 33.47 26.42 -6.70
CA LYS A 290 34.38 26.22 -7.86
C LYS A 290 35.42 27.32 -7.96
N GLU A 291 36.39 27.16 -8.87
CA GLU A 291 37.42 28.17 -9.08
C GLU A 291 38.14 27.95 -10.39
N GLU A 292 38.20 29.00 -11.21
CA GLU A 292 38.81 28.90 -12.53
C GLU A 292 40.12 29.68 -12.63
N GLN A 293 41.05 29.11 -13.42
CA GLN A 293 42.19 29.87 -13.92
C GLN A 293 42.15 29.85 -15.47
N MET A 294 42.61 30.93 -16.10
CA MET A 294 42.39 31.22 -17.55
C MET A 294 42.41 30.03 -18.53
N ASP A 295 43.59 29.51 -18.89
CA ASP A 295 43.66 28.21 -19.59
C ASP A 295 44.07 27.06 -18.65
N GLY A 296 43.13 26.71 -17.77
CA GLY A 296 43.29 25.64 -16.79
C GLY A 296 41.94 25.15 -16.28
N THR A 297 41.81 23.83 -16.15
CA THR A 297 40.56 23.18 -15.70
C THR A 297 40.23 23.55 -14.25
N VAL A 298 38.93 23.56 -13.96
CA VAL A 298 38.37 24.09 -12.70
C VAL A 298 38.84 23.41 -11.42
N THR A 299 39.44 24.20 -10.53
CA THR A 299 39.81 23.72 -9.17
C THR A 299 38.62 23.81 -8.18
N LEU A 300 38.92 23.93 -6.88
CA LEU A 300 37.91 24.01 -5.81
C LEU A 300 38.38 24.92 -4.66
N LYS A 301 37.54 25.88 -4.28
CA LYS A 301 37.95 26.85 -3.28
C LYS A 301 37.51 26.42 -1.90
N ASP A 302 36.21 26.15 -1.74
CA ASP A 302 35.67 25.87 -0.41
C ASP A 302 34.40 25.05 -0.52
N LEU A 303 34.02 24.39 0.57
CA LEU A 303 32.70 23.73 0.63
C LEU A 303 31.89 24.14 1.87
N ARG A 304 30.63 24.47 1.71
CA ARG A 304 29.80 24.82 2.87
C ARG A 304 28.45 24.12 2.88
N VAL A 305 27.83 24.13 4.05
CA VAL A 305 26.57 23.49 4.27
C VAL A 305 25.53 24.51 4.65
N GLU A 306 24.44 24.53 3.89
CA GLU A 306 23.34 25.43 4.16
C GLU A 306 22.16 24.57 4.61
N LEU A 307 21.68 24.74 5.85
CA LEU A 307 20.42 24.12 6.29
C LEU A 307 19.27 24.64 5.48
N LEU A 308 18.49 23.75 4.92
CA LEU A 308 17.43 24.17 4.05
C LEU A 308 16.07 24.02 4.67
N GLY A 309 15.89 23.02 5.52
CA GLY A 309 14.57 22.85 6.12
C GLY A 309 14.27 21.47 6.61
N GLU A 310 13.12 20.94 6.25
CA GLU A 310 12.70 19.78 6.93
C GLU A 310 11.89 18.95 5.98
N THR A 311 12.23 17.69 5.87
CA THR A 311 11.50 16.77 5.07
C THR A 311 11.12 15.62 6.00
N SER A 312 10.63 14.51 5.46
CA SER A 312 10.33 13.40 6.31
C SER A 312 11.69 12.80 6.44
N ILE A 313 11.83 11.87 7.38
CA ILE A 313 13.09 11.19 7.53
C ILE A 313 13.34 10.50 6.21
N ALA A 314 14.39 10.93 5.57
CA ALA A 314 14.64 10.51 4.20
C ALA A 314 15.58 9.34 4.21
N GLU A 315 15.24 8.38 3.37
CA GLU A 315 16.13 7.29 3.05
C GLU A 315 16.86 7.64 1.80
N CYS A 316 16.15 8.34 0.92
CA CYS A 316 16.34 8.41 -0.53
C CYS A 316 16.06 9.89 -0.91
N LEU A 317 17.01 10.55 -1.55
CA LEU A 317 16.74 11.88 -2.10
C LEU A 317 17.03 11.89 -3.60
N THR A 318 16.18 12.56 -4.36
CA THR A 318 16.44 12.71 -5.78
C THR A 318 15.94 14.05 -6.20
N TYR A 319 16.88 14.90 -6.62
CA TYR A 319 16.54 16.20 -7.18
C TYR A 319 15.85 15.97 -8.54
N LEU A 320 14.75 16.66 -8.81
CA LEU A 320 14.06 16.46 -10.10
C LEU A 320 14.25 17.64 -11.04
N ASP A 321 13.15 18.20 -11.55
CA ASP A 321 13.19 19.35 -12.44
C ASP A 321 13.74 20.58 -11.71
N ASN A 322 12.86 21.48 -11.30
CA ASN A 322 13.30 22.80 -10.92
C ASN A 322 12.82 23.11 -9.54
N GLY A 323 13.74 22.90 -8.59
CA GLY A 323 13.46 23.01 -7.16
C GLY A 323 12.61 21.91 -6.57
N VAL A 324 12.00 21.07 -7.41
CA VAL A 324 11.42 19.80 -6.95
C VAL A 324 12.47 18.76 -6.51
N VAL A 325 12.12 18.05 -5.45
CA VAL A 325 12.98 17.07 -4.84
C VAL A 325 12.00 15.99 -4.48
N PHE A 326 12.27 14.76 -4.94
CA PHE A 326 11.56 13.60 -4.43
C PHE A 326 12.17 13.12 -3.14
N VAL A 327 11.33 12.81 -2.17
CA VAL A 327 11.82 12.48 -0.84
C VAL A 327 11.32 11.11 -0.38
N GLY A 328 12.12 10.08 -0.66
CA GLY A 328 11.79 8.73 -0.26
C GLY A 328 12.03 8.47 1.21
N SER A 329 10.98 8.04 1.87
CA SER A 329 11.02 7.87 3.30
C SER A 329 10.60 6.41 3.62
N ARG A 330 11.23 5.76 4.62
CA ARG A 330 10.64 4.55 5.22
C ARG A 330 10.09 4.74 6.61
N LEU A 331 10.72 5.59 7.40
CA LEU A 331 10.17 5.89 8.72
C LEU A 331 8.88 6.71 8.61
N GLY A 332 8.62 7.31 7.44
CA GLY A 332 7.39 8.09 7.26
C GLY A 332 6.80 8.21 5.86
N ASP A 333 5.90 9.19 5.64
CA ASP A 333 5.35 9.42 4.30
C ASP A 333 6.40 10.00 3.34
N SER A 334 6.49 9.40 2.16
CA SER A 334 7.35 9.91 1.10
C SER A 334 6.67 11.10 0.53
N GLN A 335 7.46 12.05 0.06
CA GLN A 335 6.84 13.28 -0.34
C GLN A 335 7.51 13.99 -1.51
N LEU A 336 6.76 14.89 -2.13
CA LEU A 336 7.26 15.73 -3.22
C LEU A 336 7.51 17.07 -2.67
N VAL A 337 8.66 17.65 -2.96
CA VAL A 337 9.10 18.82 -2.21
C VAL A 337 9.68 19.95 -3.04
N LYS A 338 9.41 21.20 -2.64
CA LYS A 338 9.88 22.32 -3.40
C LYS A 338 10.86 23.20 -2.63
N LEU A 339 12.04 23.36 -3.24
CA LEU A 339 13.02 24.34 -2.84
C LEU A 339 12.80 25.64 -3.57
N ASN A 340 12.90 26.71 -2.81
CA ASN A 340 12.78 28.01 -3.39
C ASN A 340 13.96 28.80 -2.94
N VAL A 341 14.30 29.78 -3.79
CA VAL A 341 15.36 30.73 -3.51
C VAL A 341 15.20 31.41 -2.13
N ASP A 342 13.98 31.62 -1.69
CA ASP A 342 13.74 32.32 -0.43
C ASP A 342 13.20 31.44 0.69
N SER A 343 13.25 31.95 1.91
CA SER A 343 12.76 31.21 3.08
C SER A 343 11.55 31.90 3.68
N ASN A 344 10.39 31.28 3.55
CA ASN A 344 9.15 31.84 4.09
C ASN A 344 9.10 31.73 5.61
N GLU A 345 7.95 32.10 6.19
CA GLU A 345 7.77 32.05 7.63
C GLU A 345 8.56 30.89 8.25
N GLN A 346 9.43 31.21 9.20
CA GLN A 346 10.23 30.20 9.87
C GLN A 346 11.65 30.18 9.32
N GLY A 347 11.79 30.59 8.06
CA GLY A 347 13.08 30.61 7.40
C GLY A 347 13.44 29.28 6.76
N SER A 348 12.42 28.54 6.35
CA SER A 348 12.61 27.24 5.71
C SER A 348 12.44 27.34 4.20
N TYR A 349 13.46 26.95 3.46
CA TYR A 349 13.42 26.98 2.01
C TYR A 349 12.73 25.75 1.44
N VAL A 350 12.10 24.98 2.33
CA VAL A 350 11.41 23.77 1.92
C VAL A 350 9.89 23.95 1.95
N VAL A 351 9.21 23.42 0.95
CA VAL A 351 7.77 23.54 0.86
C VAL A 351 7.22 22.21 0.31
N ALA A 352 6.39 21.52 1.09
CA ALA A 352 5.81 20.26 0.60
C ALA A 352 4.84 20.51 -0.52
N MET A 353 4.90 19.71 -1.58
CA MET A 353 3.92 19.75 -2.63
C MET A 353 3.01 18.57 -2.51
N GLU A 354 3.57 17.41 -2.22
CA GLU A 354 2.75 16.22 -2.19
C GLU A 354 3.25 15.25 -1.16
N THR A 355 2.35 14.38 -0.75
CA THR A 355 2.54 13.52 0.39
C THR A 355 1.99 12.16 0.00
N PHE A 356 2.85 11.17 0.05
CA PHE A 356 2.30 9.89 -0.27
C PHE A 356 2.33 9.04 0.97
N THR A 357 1.27 8.28 1.15
CA THR A 357 1.04 7.60 2.40
C THR A 357 1.93 6.38 2.43
N ASN A 358 2.72 6.29 3.49
CA ASN A 358 3.51 5.15 3.82
C ASN A 358 3.02 4.70 5.19
N LEU A 359 2.41 3.50 5.25
CA LEU A 359 2.14 2.78 6.53
C LEU A 359 3.46 2.37 7.15
N GLY A 360 4.53 2.67 6.42
CA GLY A 360 5.86 2.95 6.96
C GLY A 360 6.18 1.75 7.74
N PRO A 361 6.87 1.92 8.87
CA PRO A 361 6.93 0.74 9.76
C PRO A 361 5.57 0.43 10.48
N ILE A 362 4.85 -0.59 10.07
CA ILE A 362 3.75 -1.05 10.90
C ILE A 362 4.32 -1.88 12.04
N VAL A 363 4.08 -1.48 13.27
CA VAL A 363 4.96 -1.85 14.39
C VAL A 363 4.14 -2.67 15.31
N ASP A 364 2.89 -2.23 15.48
CA ASP A 364 1.81 -3.02 16.04
C ASP A 364 0.53 -2.69 15.26
N MET A 365 -0.50 -3.49 15.37
CA MET A 365 -1.77 -3.09 14.83
C MET A 365 -2.99 -3.86 15.44
N CYS A 366 -4.21 -3.39 15.29
CA CYS A 366 -5.36 -4.22 15.65
C CYS A 366 -6.58 -3.99 14.78
N VAL A 367 -7.55 -4.91 14.83
CA VAL A 367 -8.78 -4.80 14.00
C VAL A 367 -9.98 -4.38 14.82
N VAL A 368 -10.72 -3.39 14.30
CA VAL A 368 -11.90 -2.89 15.00
C VAL A 368 -12.99 -2.49 14.01
N ASP A 369 -14.24 -2.87 14.24
CA ASP A 369 -15.35 -2.42 13.37
C ASP A 369 -15.98 -1.36 14.22
N LEU A 370 -15.50 -0.16 13.96
CA LEU A 370 -15.47 1.04 14.79
C LEU A 370 -16.92 1.53 14.81
N GLU A 371 -17.56 1.50 13.64
CA GLU A 371 -18.92 1.96 13.52
C GLU A 371 -19.80 0.81 13.98
N ARG A 372 -19.18 -0.36 14.15
CA ARG A 372 -19.93 -1.54 14.60
C ARG A 372 -20.77 -2.17 13.49
N GLN A 373 -20.12 -2.50 12.38
CA GLN A 373 -20.84 -3.06 11.22
C GLN A 373 -20.68 -4.56 11.11
N GLY A 374 -19.47 -4.97 10.74
CA GLY A 374 -19.13 -6.34 10.42
C GLY A 374 -17.92 -6.36 9.49
N GLN A 375 -17.56 -5.18 8.99
CA GLN A 375 -16.26 -5.02 8.38
C GLN A 375 -15.31 -4.55 9.46
N GLY A 376 -14.10 -5.08 9.41
CA GLY A 376 -13.02 -4.62 10.25
C GLY A 376 -12.44 -3.43 9.54
N GLN A 377 -12.07 -2.45 10.32
CA GLN A 377 -11.17 -1.42 9.90
C GLN A 377 -9.94 -1.93 10.58
N LEU A 378 -8.81 -1.33 10.27
CA LEU A 378 -7.59 -1.76 10.88
C LEU A 378 -6.80 -0.56 11.31
N VAL A 379 -6.16 -0.66 12.46
CA VAL A 379 -5.59 0.51 13.09
C VAL A 379 -4.16 0.19 13.44
N THR A 380 -3.19 0.91 12.84
CA THR A 380 -1.80 0.49 12.94
C THR A 380 -0.95 1.54 13.58
N CYS A 381 -0.02 1.16 14.44
CA CYS A 381 0.94 2.14 14.93
C CYS A 381 2.00 2.19 13.84
N SER A 382 2.34 3.39 13.34
CA SER A 382 3.21 3.54 12.19
C SER A 382 4.24 4.62 12.35
N GLY A 383 5.32 4.48 11.59
CA GLY A 383 6.34 5.49 11.58
C GLY A 383 7.13 5.37 12.84
N ALA A 384 8.09 6.28 12.99
CA ALA A 384 8.96 6.28 14.12
C ALA A 384 9.22 7.74 14.31
N PHE A 385 9.54 8.14 15.54
CA PHE A 385 9.83 9.58 15.80
C PHE A 385 8.77 10.53 15.21
N LYS A 386 9.16 11.65 14.65
CA LYS A 386 8.12 12.63 14.33
C LYS A 386 7.08 12.12 13.30
N GLU A 387 7.50 11.16 12.46
CA GLU A 387 6.65 10.57 11.45
C GLU A 387 5.63 9.69 12.10
N GLY A 388 5.84 9.39 13.37
CA GLY A 388 4.95 8.44 14.08
C GLY A 388 3.50 8.82 13.82
N SER A 389 2.61 7.82 13.89
CA SER A 389 1.20 8.01 13.59
C SER A 389 0.34 6.76 13.83
N LEU A 390 -0.98 6.92 13.81
CA LEU A 390 -1.90 5.81 13.68
C LEU A 390 -2.45 5.95 12.31
N ARG A 391 -2.72 4.82 11.70
CA ARG A 391 -3.34 4.80 10.40
C ARG A 391 -4.52 3.92 10.53
N ILE A 392 -5.65 4.46 10.09
CA ILE A 392 -6.89 3.72 10.13
C ILE A 392 -7.15 3.29 8.68
N ILE A 393 -7.23 1.98 8.48
CA ILE A 393 -7.36 1.38 7.15
C ILE A 393 -8.70 0.69 6.96
N ARG A 394 -9.42 1.12 5.94
CA ARG A 394 -10.79 0.67 5.73
C ARG A 394 -10.98 0.23 4.27
N ASN A 395 -11.49 -0.98 4.10
CA ASN A 395 -11.80 -1.45 2.77
C ASN A 395 -12.99 -0.70 2.16
N GLY A 396 -12.98 -0.53 0.86
CA GLY A 396 -14.17 -0.07 0.17
C GLY A 396 -14.36 1.42 0.20
N ILE A 397 -15.40 1.82 -0.51
CA ILE A 397 -15.77 3.19 -0.66
C ILE A 397 -17.17 3.25 -0.05
N GLY A 398 -17.31 3.95 1.06
CA GLY A 398 -18.62 4.04 1.73
C GLY A 398 -19.25 5.37 1.42
N ILE A 399 -20.52 5.52 1.78
CA ILE A 399 -21.27 6.77 1.54
C ILE A 399 -22.17 7.15 2.74
N HIS A 400 -22.39 8.48 2.95
CA HIS A 400 -23.19 9.02 4.12
C HIS A 400 -24.73 9.17 3.93
N GLU A 401 -25.53 8.41 4.68
CA GLU A 401 -27.01 8.27 4.43
C GLU A 401 -28.01 9.30 5.02
N HIS A 402 -28.39 10.29 4.21
CA HIS A 402 -29.14 11.47 4.68
C HIS A 402 -30.63 11.24 5.00
N ALA A 403 -31.45 10.83 4.02
CA ALA A 403 -32.85 10.46 4.32
C ALA A 403 -33.09 8.95 4.18
N SER A 404 -34.33 8.52 4.35
CA SER A 404 -34.67 7.10 4.27
C SER A 404 -36.15 6.87 4.04
N ILE A 405 -36.50 6.72 2.77
CA ILE A 405 -37.89 6.61 2.37
C ILE A 405 -38.13 5.24 1.76
N ASP A 406 -38.76 4.35 2.53
CA ASP A 406 -38.98 2.94 2.13
C ASP A 406 -39.98 2.83 1.00
N LEU A 407 -39.47 2.51 -0.20
CA LEU A 407 -40.31 2.38 -1.38
C LEU A 407 -40.06 1.06 -2.11
N PRO A 408 -40.79 0.00 -1.72
CA PRO A 408 -40.67 -1.33 -2.35
C PRO A 408 -41.11 -1.34 -3.81
N GLY A 409 -40.26 -0.77 -4.67
CA GLY A 409 -40.50 -0.73 -6.10
C GLY A 409 -39.42 -0.02 -6.89
N ILE A 410 -39.34 1.30 -6.73
CA ILE A 410 -38.50 2.19 -7.55
C ILE A 410 -37.68 1.53 -8.65
N LYS A 411 -38.11 1.71 -9.88
CA LYS A 411 -37.50 1.03 -11.01
C LYS A 411 -36.71 1.99 -11.87
N GLY A 412 -36.38 3.14 -11.29
CA GLY A 412 -35.52 4.12 -11.95
C GLY A 412 -35.50 5.35 -11.06
N LEU A 413 -34.57 6.26 -11.35
CA LEU A 413 -34.69 7.65 -10.92
C LEU A 413 -33.75 8.56 -11.68
N TRP A 414 -34.23 9.76 -11.98
CA TRP A 414 -33.41 10.81 -12.59
C TRP A 414 -33.66 12.12 -11.87
N PRO A 415 -32.70 13.05 -11.92
CA PRO A 415 -32.80 14.34 -11.23
C PRO A 415 -33.86 15.27 -11.85
N LEU A 416 -34.02 16.47 -11.30
CA LEU A 416 -35.02 17.39 -11.86
C LEU A 416 -35.21 18.78 -11.21
N ARG A 417 -34.44 19.76 -11.70
CA ARG A 417 -34.58 21.17 -11.31
C ARG A 417 -35.96 21.65 -11.78
N SER A 418 -36.83 22.01 -10.84
CA SER A 418 -38.12 22.61 -11.21
C SER A 418 -37.99 24.11 -11.47
N ASP A 419 -36.76 24.62 -11.37
CA ASP A 419 -36.44 25.99 -11.79
C ASP A 419 -35.26 26.01 -12.76
N PRO A 420 -35.47 26.61 -13.96
CA PRO A 420 -34.53 26.65 -15.10
C PRO A 420 -33.10 27.14 -14.83
N ASN A 421 -32.87 27.74 -13.67
CA ASN A 421 -31.56 28.35 -13.36
C ASN A 421 -30.64 27.54 -12.44
N ARG A 422 -31.00 27.42 -11.16
CA ARG A 422 -30.16 26.80 -10.13
C ARG A 422 -29.68 25.40 -10.50
N GLU A 423 -28.44 25.06 -10.11
CA GLU A 423 -27.87 23.72 -10.32
C GLU A 423 -28.67 22.71 -9.52
N THR A 424 -29.42 23.23 -8.55
CA THR A 424 -30.25 22.43 -7.64
C THR A 424 -31.57 21.96 -8.26
N TYR A 425 -31.83 20.67 -8.07
CA TYR A 425 -33.05 20.00 -8.49
C TYR A 425 -33.87 19.79 -7.20
N ASP A 426 -35.17 20.04 -7.25
CA ASP A 426 -36.02 19.81 -6.06
C ASP A 426 -37.01 18.68 -6.27
N THR A 427 -36.74 17.85 -7.27
CA THR A 427 -37.62 16.74 -7.58
C THR A 427 -36.83 15.49 -8.00
N LEU A 428 -37.41 14.34 -7.72
CA LEU A 428 -36.88 13.10 -8.26
C LEU A 428 -38.01 12.22 -8.77
N VAL A 429 -38.33 12.37 -10.05
CA VAL A 429 -39.38 11.56 -10.65
C VAL A 429 -38.83 10.15 -10.84
N LEU A 430 -39.45 9.23 -10.13
CA LEU A 430 -38.94 7.88 -9.99
C LEU A 430 -39.79 6.87 -10.75
N SER A 431 -39.19 6.19 -11.73
CA SER A 431 -39.89 5.04 -12.32
C SER A 431 -40.27 4.06 -11.22
N PHE A 432 -41.39 3.37 -11.37
CA PHE A 432 -41.89 2.56 -10.29
C PHE A 432 -42.59 1.32 -10.84
N VAL A 433 -43.05 0.45 -9.93
CA VAL A 433 -43.72 -0.83 -10.25
C VAL A 433 -44.95 -0.67 -11.18
N GLY A 434 -44.74 -0.02 -12.32
CA GLY A 434 -45.83 0.28 -13.25
C GLY A 434 -46.59 1.60 -13.03
N GLN A 435 -45.99 2.53 -12.28
CA GLN A 435 -46.55 3.88 -12.08
C GLN A 435 -45.44 4.92 -12.16
N THR A 436 -45.75 6.15 -11.78
CA THR A 436 -44.75 7.21 -11.59
C THR A 436 -45.25 8.20 -10.55
N ARG A 437 -44.61 8.18 -9.38
CA ARG A 437 -44.76 9.24 -8.39
C ARG A 437 -43.65 10.29 -8.55
N VAL A 438 -44.00 11.55 -8.32
CA VAL A 438 -43.07 12.66 -8.45
C VAL A 438 -42.60 12.99 -7.02
N LEU A 439 -41.48 13.69 -6.89
CA LEU A 439 -41.00 14.05 -5.55
C LEU A 439 -40.53 15.48 -5.35
N MET A 440 -41.49 16.39 -5.26
CA MET A 440 -41.22 17.79 -4.94
C MET A 440 -40.59 17.87 -3.57
N LEU A 441 -39.60 18.72 -3.41
CA LEU A 441 -38.94 18.88 -2.13
C LEU A 441 -39.07 20.29 -1.60
N ASN A 442 -39.51 20.39 -0.35
CA ASN A 442 -39.56 21.65 0.37
C ASN A 442 -38.14 22.11 0.74
N GLY A 443 -37.15 21.41 0.20
CA GLY A 443 -35.72 21.65 0.45
C GLY A 443 -35.03 20.36 0.83
N GLU A 444 -35.09 20.06 2.12
CA GLU A 444 -34.62 18.80 2.69
C GLU A 444 -35.82 17.95 3.13
N GLU A 445 -37.01 18.36 2.71
CA GLU A 445 -38.27 17.72 3.11
C GLU A 445 -38.97 17.04 1.91
N VAL A 446 -39.41 15.80 2.12
CA VAL A 446 -39.99 14.92 1.08
C VAL A 446 -41.48 15.15 0.83
N GLU A 447 -41.86 15.21 -0.45
CA GLU A 447 -43.26 15.39 -0.84
C GLU A 447 -43.57 14.87 -2.25
N GLU A 448 -44.61 14.04 -2.34
CA GLU A 448 -45.08 13.53 -3.62
C GLU A 448 -46.36 14.21 -4.13
N THR A 449 -46.18 15.08 -5.11
CA THR A 449 -47.29 15.79 -5.75
C THR A 449 -47.40 15.45 -7.25
N GLU A 450 -48.43 15.98 -7.90
CA GLU A 450 -48.63 15.89 -9.35
C GLU A 450 -47.55 16.63 -10.17
N LEU A 451 -47.67 16.55 -11.50
CA LEU A 451 -46.94 17.43 -12.41
C LEU A 451 -47.55 17.34 -13.79
N MET A 452 -47.71 18.50 -14.44
CA MET A 452 -48.40 18.62 -15.73
C MET A 452 -47.75 17.74 -16.77
N GLY A 453 -48.55 17.21 -17.69
CA GLY A 453 -48.06 16.39 -18.81
C GLY A 453 -47.13 15.25 -18.47
N PHE A 454 -47.11 14.86 -17.20
CA PHE A 454 -46.27 13.76 -16.70
C PHE A 454 -47.17 12.74 -16.03
N VAL A 455 -47.11 11.48 -16.49
CA VAL A 455 -48.06 10.46 -16.00
C VAL A 455 -47.83 10.00 -14.57
N ASP A 456 -48.94 9.57 -13.98
CA ASP A 456 -49.06 9.17 -12.57
C ASP A 456 -49.59 7.74 -12.48
N ASP A 457 -50.13 7.28 -13.61
CA ASP A 457 -50.67 5.93 -13.74
C ASP A 457 -49.90 5.17 -14.82
N GLN A 458 -48.92 5.84 -15.41
CA GLN A 458 -48.11 5.22 -16.46
C GLN A 458 -46.61 5.31 -16.15
N GLN A 459 -46.00 4.13 -16.00
CA GLN A 459 -44.58 3.97 -15.66
C GLN A 459 -43.59 4.75 -16.53
N THR A 460 -42.84 5.65 -15.90
CA THR A 460 -41.83 6.44 -16.58
C THR A 460 -40.57 5.60 -16.77
N PHE A 461 -39.91 5.78 -17.92
CA PHE A 461 -38.65 5.10 -18.26
C PHE A 461 -37.49 6.08 -18.40
N PHE A 462 -37.75 7.33 -18.02
CA PHE A 462 -36.80 8.41 -18.29
C PHE A 462 -37.33 9.81 -17.98
N CYS A 463 -36.41 10.71 -17.69
CA CYS A 463 -36.70 12.07 -17.25
C CYS A 463 -35.60 13.04 -17.65
N GLY A 464 -34.51 12.51 -18.24
CA GLY A 464 -33.34 13.28 -18.69
C GLY A 464 -33.27 14.70 -18.16
N ASN A 465 -32.75 15.62 -18.98
CA ASN A 465 -32.84 17.07 -18.73
C ASN A 465 -32.81 17.86 -20.05
N VAL A 466 -33.86 17.68 -20.85
CA VAL A 466 -33.95 18.24 -22.21
C VAL A 466 -34.01 19.76 -22.23
N ALA A 467 -33.17 20.34 -23.10
CA ALA A 467 -32.99 21.79 -23.18
C ALA A 467 -34.14 22.57 -23.88
N HIS A 468 -33.95 23.89 -24.01
CA HIS A 468 -34.97 24.80 -24.57
C HIS A 468 -36.15 25.00 -23.58
N GLN A 469 -35.82 25.13 -22.29
CA GLN A 469 -36.79 25.34 -21.22
C GLN A 469 -37.90 24.27 -21.15
N GLN A 470 -37.55 22.98 -21.11
CA GLN A 470 -38.60 21.95 -20.97
C GLN A 470 -38.20 20.65 -20.23
N LEU A 471 -39.20 19.89 -19.78
CA LEU A 471 -38.98 18.64 -19.06
C LEU A 471 -39.63 17.46 -19.78
N ILE A 472 -38.87 16.37 -19.95
CA ILE A 472 -39.32 15.17 -20.67
C ILE A 472 -39.81 14.07 -19.74
N GLN A 473 -40.70 13.22 -20.25
CA GLN A 473 -41.08 11.98 -19.60
C GLN A 473 -41.35 10.89 -20.65
N ILE A 474 -40.38 10.01 -20.87
CA ILE A 474 -40.63 8.83 -21.71
C ILE A 474 -41.34 7.78 -20.88
N THR A 475 -42.54 7.42 -21.30
CA THR A 475 -43.36 6.46 -20.56
C THR A 475 -43.46 5.14 -21.38
N SER A 476 -44.04 4.10 -20.77
CA SER A 476 -44.33 2.85 -21.48
C SER A 476 -44.83 3.24 -22.85
N ALA A 477 -45.86 4.09 -22.82
CA ALA A 477 -46.49 4.63 -24.00
C ALA A 477 -45.61 5.62 -24.74
N SER A 478 -45.79 6.91 -24.46
CA SER A 478 -45.31 8.00 -25.32
C SER A 478 -44.20 8.79 -24.68
N VAL A 479 -43.24 9.25 -25.47
CA VAL A 479 -42.32 10.28 -25.02
C VAL A 479 -43.10 11.61 -24.87
N ARG A 480 -43.44 11.97 -23.61
CA ARG A 480 -44.27 13.15 -23.25
C ARG A 480 -43.48 14.46 -23.17
N LEU A 481 -44.16 15.58 -22.91
CA LEU A 481 -43.48 16.90 -22.90
C LEU A 481 -44.16 17.95 -22.01
N VAL A 482 -43.34 18.62 -21.20
CA VAL A 482 -43.73 19.73 -20.32
C VAL A 482 -42.68 20.84 -20.40
N SER A 483 -43.12 22.08 -20.27
CA SER A 483 -42.22 23.22 -20.42
C SER A 483 -41.82 23.86 -19.11
N GLN A 484 -40.95 24.86 -19.23
CA GLN A 484 -40.57 25.73 -18.12
C GLN A 484 -41.40 27.00 -18.19
N GLU A 485 -41.56 27.52 -19.41
CA GLU A 485 -42.51 28.59 -19.67
C GLU A 485 -43.96 28.04 -19.65
N PRO A 486 -44.40 27.32 -20.71
CA PRO A 486 -45.72 26.67 -20.66
C PRO A 486 -45.94 25.79 -19.43
N LYS A 487 -45.18 24.70 -19.28
CA LYS A 487 -45.37 23.76 -18.18
C LYS A 487 -46.77 23.12 -18.29
N ALA A 488 -46.98 22.36 -19.36
CA ALA A 488 -48.28 21.72 -19.59
C ALA A 488 -48.53 21.35 -21.05
N LEU A 489 -48.54 20.05 -21.33
CA LEU A 489 -48.89 19.50 -22.63
C LEU A 489 -48.06 19.77 -23.91
N VAL A 490 -47.09 20.69 -23.80
CA VAL A 490 -46.27 21.21 -24.93
C VAL A 490 -46.29 20.37 -26.21
N SER A 491 -45.89 19.11 -26.08
CA SER A 491 -45.97 18.13 -27.18
C SER A 491 -46.13 16.71 -26.61
N GLU A 492 -46.03 15.73 -27.51
CA GLU A 492 -46.23 14.31 -27.19
C GLU A 492 -45.99 13.43 -28.43
N TRP A 493 -45.10 12.46 -28.29
CA TRP A 493 -44.83 11.48 -29.34
C TRP A 493 -45.59 10.23 -28.95
N LYS A 494 -45.92 9.41 -29.94
CA LYS A 494 -46.74 8.23 -29.74
C LYS A 494 -46.48 7.34 -30.96
N GLU A 495 -46.28 6.05 -30.74
CA GLU A 495 -45.88 5.14 -31.81
C GLU A 495 -47.01 4.83 -32.80
N PRO A 496 -46.77 5.08 -34.13
CA PRO A 496 -47.74 4.83 -35.18
C PRO A 496 -48.14 3.36 -35.30
N GLN A 497 -48.95 2.89 -34.34
CA GLN A 497 -49.52 1.53 -34.30
C GLN A 497 -50.25 1.22 -32.99
N ALA A 498 -50.16 2.15 -32.02
CA ALA A 498 -50.52 1.91 -30.61
C ALA A 498 -49.64 0.80 -30.03
N LYS A 499 -48.35 1.10 -29.88
CA LYS A 499 -47.31 0.11 -29.52
C LYS A 499 -46.16 0.73 -28.72
N ASN A 500 -45.76 0.05 -27.65
CA ASN A 500 -44.88 0.64 -26.64
C ASN A 500 -43.45 0.92 -27.07
N ILE A 501 -42.85 1.86 -26.35
CA ILE A 501 -41.41 2.04 -26.32
C ILE A 501 -40.86 1.00 -25.34
N SER A 502 -39.84 0.27 -25.77
CA SER A 502 -39.22 -0.75 -24.91
C SER A 502 -37.96 -0.22 -24.19
N VAL A 503 -37.03 0.39 -24.93
CA VAL A 503 -35.78 0.88 -24.37
C VAL A 503 -35.77 2.39 -24.49
N ALA A 504 -35.64 3.09 -23.35
CA ALA A 504 -35.59 4.57 -23.28
C ALA A 504 -34.16 5.17 -23.25
N SER A 505 -33.93 6.21 -24.07
CA SER A 505 -32.67 6.99 -24.05
C SER A 505 -32.91 8.51 -24.19
N CYS A 506 -31.89 9.29 -23.83
CA CYS A 506 -31.85 10.77 -23.94
C CYS A 506 -30.64 11.36 -23.22
N ASN A 507 -30.06 12.43 -23.76
CA ASN A 507 -29.02 13.15 -23.01
C ASN A 507 -29.47 14.50 -22.41
N SER A 508 -29.88 15.45 -23.25
CA SER A 508 -30.39 16.78 -22.87
C SER A 508 -30.76 17.50 -24.17
N SER A 509 -30.47 16.81 -25.28
CA SER A 509 -30.67 17.26 -26.66
C SER A 509 -31.26 16.12 -27.52
N GLN A 510 -30.58 14.97 -27.54
CA GLN A 510 -31.03 13.75 -28.27
C GLN A 510 -32.17 13.00 -27.57
N VAL A 511 -32.97 12.31 -28.39
CA VAL A 511 -33.89 11.27 -27.94
C VAL A 511 -33.77 10.11 -28.93
N VAL A 512 -33.52 8.92 -28.41
CA VAL A 512 -33.50 7.68 -29.19
C VAL A 512 -34.27 6.61 -28.46
N VAL A 513 -35.36 6.14 -29.06
CA VAL A 513 -36.10 5.04 -28.43
C VAL A 513 -35.92 3.71 -29.19
N ALA A 514 -36.78 2.75 -28.84
CA ALA A 514 -36.77 1.43 -29.46
C ALA A 514 -38.10 0.79 -29.16
N VAL A 515 -38.77 0.30 -30.21
CA VAL A 515 -40.01 -0.48 -30.04
C VAL A 515 -39.70 -1.96 -29.94
N GLY A 516 -38.54 -2.33 -30.47
CA GLY A 516 -38.00 -3.70 -30.42
C GLY A 516 -36.70 -3.76 -31.20
N ARG A 517 -36.88 -4.00 -32.48
CA ARG A 517 -35.78 -4.04 -33.38
C ARG A 517 -35.81 -2.68 -33.90
N ALA A 518 -37.00 -2.12 -33.81
CA ALA A 518 -37.24 -0.81 -34.33
C ALA A 518 -36.42 0.17 -33.57
N LEU A 519 -35.65 0.94 -34.32
CA LEU A 519 -34.89 2.05 -33.77
C LEU A 519 -35.31 3.32 -34.48
N TYR A 520 -36.26 4.03 -33.88
CA TYR A 520 -36.62 5.36 -34.33
C TYR A 520 -35.47 6.34 -34.05
N TYR A 521 -35.87 7.60 -33.84
CA TYR A 521 -35.03 8.74 -33.42
C TYR A 521 -35.93 9.99 -33.46
N LEU A 522 -35.91 10.79 -32.39
CA LEU A 522 -36.63 12.09 -32.34
C LEU A 522 -35.82 13.17 -31.60
N GLN A 523 -36.26 14.43 -31.70
CA GLN A 523 -35.56 15.56 -31.07
C GLN A 523 -36.56 16.42 -30.30
N ILE A 524 -36.13 17.03 -29.20
CA ILE A 524 -36.98 17.95 -28.44
C ILE A 524 -36.75 19.39 -28.94
N HIS A 525 -37.17 19.67 -30.16
CA HIS A 525 -36.96 20.98 -30.76
C HIS A 525 -37.87 22.07 -30.21
N PRO A 526 -37.39 23.33 -30.20
CA PRO A 526 -37.97 24.37 -29.32
C PRO A 526 -39.49 24.28 -29.10
N GLN A 527 -39.92 23.34 -28.24
CA GLN A 527 -41.33 23.17 -27.83
C GLN A 527 -42.08 22.02 -28.50
N GLU A 528 -41.36 21.17 -29.22
CA GLU A 528 -41.99 20.06 -29.93
C GLU A 528 -41.05 18.91 -30.31
N LEU A 529 -41.55 17.69 -30.21
CA LEU A 529 -40.77 16.50 -30.55
C LEU A 529 -40.88 16.08 -32.03
N ARG A 530 -39.92 16.49 -32.86
CA ARG A 530 -39.92 16.16 -34.29
C ARG A 530 -39.19 14.85 -34.55
N GLN A 531 -39.72 14.04 -35.47
CA GLN A 531 -39.15 12.71 -35.79
C GLN A 531 -37.97 12.83 -36.77
N ILE A 532 -37.21 11.74 -36.94
CA ILE A 532 -36.18 11.63 -37.98
C ILE A 532 -36.02 10.22 -38.54
N SER A 533 -35.03 9.47 -38.05
CA SER A 533 -34.61 8.22 -38.68
C SER A 533 -35.46 7.01 -38.24
N HIS A 534 -35.12 5.84 -38.79
CA HIS A 534 -35.77 4.57 -38.49
C HIS A 534 -34.98 3.43 -39.14
N THR A 535 -34.80 2.35 -38.38
CA THR A 535 -34.18 1.12 -38.84
C THR A 535 -34.70 0.00 -37.93
N GLU A 536 -34.44 -1.23 -38.35
CA GLU A 536 -34.90 -2.46 -37.73
C GLU A 536 -33.65 -3.36 -37.69
N MET A 537 -33.41 -4.05 -36.59
CA MET A 537 -32.18 -4.86 -36.49
C MET A 537 -32.52 -6.33 -36.42
N GLU A 538 -31.58 -7.17 -36.83
CA GLU A 538 -31.70 -8.60 -36.64
C GLU A 538 -32.73 -8.94 -35.55
N HIS A 539 -32.48 -8.45 -34.33
CA HIS A 539 -33.14 -8.89 -33.08
C HIS A 539 -33.69 -7.79 -32.16
N GLU A 540 -34.38 -8.20 -31.09
CA GLU A 540 -34.95 -7.29 -30.08
C GLU A 540 -33.85 -6.44 -29.47
N VAL A 541 -34.01 -5.12 -29.55
CA VAL A 541 -33.07 -4.21 -28.87
C VAL A 541 -33.15 -4.39 -27.35
N ALA A 542 -32.04 -4.84 -26.74
CA ALA A 542 -31.98 -5.02 -25.29
C ALA A 542 -31.80 -3.73 -24.50
N CYS A 543 -30.90 -2.84 -24.97
CA CYS A 543 -30.46 -1.60 -24.26
C CYS A 543 -29.56 -0.68 -25.11
N LEU A 544 -29.56 0.62 -24.82
CA LEU A 544 -28.90 1.63 -25.67
C LEU A 544 -28.24 2.79 -24.90
N ASP A 545 -27.04 3.20 -25.32
CA ASP A 545 -26.44 4.41 -24.71
C ASP A 545 -26.07 5.52 -25.68
N ILE A 546 -26.45 6.75 -25.32
CA ILE A 546 -26.05 7.97 -26.03
C ILE A 546 -25.77 9.15 -25.12
N THR A 547 -24.65 9.81 -25.38
CA THR A 547 -24.32 11.05 -24.71
C THR A 547 -23.34 11.80 -25.60
N PRO A 548 -23.52 13.13 -25.73
CA PRO A 548 -22.51 13.99 -26.32
C PRO A 548 -21.21 13.89 -25.51
N LEU A 549 -20.18 13.30 -26.10
CA LEU A 549 -18.92 13.05 -25.40
C LEU A 549 -17.94 14.24 -25.49
N GLY A 550 -16.90 14.10 -26.31
CA GLY A 550 -15.86 15.11 -26.41
C GLY A 550 -16.22 16.31 -27.26
N ASP A 551 -16.02 16.16 -28.57
CA ASP A 551 -16.16 17.26 -29.54
C ASP A 551 -17.58 17.46 -30.05
N SER A 552 -18.55 17.33 -29.15
CA SER A 552 -19.96 17.54 -29.51
C SER A 552 -20.77 18.02 -28.31
N ASN A 553 -21.23 19.24 -28.40
CA ASN A 553 -22.14 19.76 -27.40
C ASN A 553 -23.55 19.30 -27.78
N GLY A 554 -24.20 18.54 -26.89
CA GLY A 554 -25.59 18.15 -27.05
C GLY A 554 -25.88 17.02 -28.04
N LEU A 555 -25.75 17.33 -29.33
CA LEU A 555 -25.99 16.37 -30.42
C LEU A 555 -24.87 15.32 -30.45
N SER A 556 -25.23 14.03 -30.51
CA SER A 556 -24.27 12.94 -30.29
C SER A 556 -23.89 12.11 -31.54
N PRO A 557 -22.57 11.98 -31.82
CA PRO A 557 -21.92 11.11 -32.84
C PRO A 557 -22.30 9.60 -32.81
N LEU A 558 -21.32 8.69 -32.91
CA LEU A 558 -21.58 7.24 -33.11
C LEU A 558 -22.21 6.50 -31.92
N CYS A 559 -22.41 5.19 -32.04
CA CYS A 559 -23.07 4.41 -30.95
C CYS A 559 -22.93 2.87 -30.92
N ALA A 560 -23.56 2.28 -29.89
CA ALA A 560 -23.57 0.85 -29.62
C ALA A 560 -24.84 0.41 -28.87
N ILE A 561 -25.09 -0.90 -28.89
CA ILE A 561 -26.38 -1.48 -28.53
C ILE A 561 -26.23 -2.97 -28.24
N GLY A 562 -27.11 -3.51 -27.40
CA GLY A 562 -27.12 -4.94 -27.17
C GLY A 562 -28.50 -5.53 -27.46
N LEU A 563 -28.56 -6.55 -28.29
CA LEU A 563 -29.82 -7.10 -28.71
C LEU A 563 -29.99 -8.43 -28.09
N TRP A 564 -31.05 -9.14 -28.38
CA TRP A 564 -31.39 -10.37 -27.62
C TRP A 564 -30.78 -11.79 -27.82
N THR A 565 -30.90 -12.35 -29.00
CA THR A 565 -30.90 -13.74 -29.30
C THR A 565 -29.50 -14.11 -29.69
N ASP A 566 -28.72 -13.11 -30.06
CA ASP A 566 -27.35 -13.39 -30.40
C ASP A 566 -26.55 -13.03 -29.22
N ILE A 567 -27.22 -12.49 -28.22
CA ILE A 567 -26.52 -12.01 -27.06
C ILE A 567 -25.36 -11.24 -27.62
N SER A 568 -25.58 -9.99 -27.95
CA SER A 568 -24.52 -9.29 -28.64
C SER A 568 -24.53 -7.79 -28.42
N ALA A 569 -23.38 -7.16 -28.69
CA ALA A 569 -23.22 -5.74 -28.69
C ALA A 569 -22.38 -5.34 -29.91
N ARG A 570 -22.86 -4.30 -30.58
CA ARG A 570 -22.38 -3.93 -31.92
C ARG A 570 -22.29 -2.40 -32.07
N ILE A 571 -21.36 -1.94 -32.93
CA ILE A 571 -21.06 -0.51 -33.11
C ILE A 571 -21.76 0.09 -34.35
N LEU A 572 -22.51 1.17 -34.17
CA LEU A 572 -23.36 1.74 -35.24
C LEU A 572 -23.53 3.28 -35.14
N LYS A 573 -23.86 3.94 -36.26
CA LYS A 573 -23.93 5.43 -36.30
C LYS A 573 -25.30 6.01 -35.89
N LEU A 574 -25.62 7.23 -36.36
CA LEU A 574 -26.82 8.00 -35.88
C LEU A 574 -28.08 8.07 -36.81
N PRO A 575 -28.15 9.05 -37.74
CA PRO A 575 -29.37 8.97 -38.58
C PRO A 575 -29.32 7.80 -39.55
N SER A 576 -28.11 7.34 -39.87
CA SER A 576 -27.90 6.23 -40.80
C SER A 576 -28.08 4.84 -40.16
N PHE A 577 -27.55 4.69 -38.94
CA PHE A 577 -27.56 3.42 -38.18
C PHE A 577 -26.64 2.35 -38.82
N GLU A 578 -25.53 2.79 -39.42
CA GLU A 578 -24.64 1.89 -40.15
C GLU A 578 -23.74 1.05 -39.23
N LEU A 579 -23.88 -0.27 -39.37
CA LEU A 579 -23.14 -1.27 -38.56
C LEU A 579 -21.63 -1.35 -38.88
N LEU A 580 -20.79 -1.19 -37.86
CA LEU A 580 -19.32 -1.27 -38.01
C LEU A 580 -18.77 -2.66 -37.64
N HIS A 581 -17.98 -2.69 -36.57
CA HIS A 581 -17.52 -3.92 -35.90
C HIS A 581 -18.50 -4.32 -34.79
N LYS A 582 -18.31 -5.51 -34.24
CA LYS A 582 -19.12 -5.98 -33.12
C LYS A 582 -18.39 -7.03 -32.25
N GLU A 583 -19.01 -7.39 -31.13
CA GLU A 583 -18.57 -8.55 -30.38
C GLU A 583 -19.70 -9.57 -30.41
N MET A 584 -19.39 -10.82 -30.10
CA MET A 584 -20.41 -11.88 -30.07
C MET A 584 -20.33 -12.66 -28.75
N LEU A 585 -20.58 -11.98 -27.64
CA LEU A 585 -20.55 -12.59 -26.29
C LEU A 585 -21.50 -13.77 -26.21
N GLY A 586 -21.27 -14.67 -25.26
CA GLY A 586 -22.03 -15.92 -25.23
C GLY A 586 -23.11 -16.03 -24.16
N GLY A 587 -23.39 -17.28 -23.74
CA GLY A 587 -24.45 -17.58 -22.78
C GLY A 587 -25.83 -17.27 -23.34
N GLU A 588 -26.86 -17.71 -22.64
CA GLU A 588 -28.24 -17.49 -23.10
C GLU A 588 -28.86 -16.22 -22.46
N ILE A 589 -28.07 -15.48 -21.67
CA ILE A 589 -28.54 -14.27 -20.94
C ILE A 589 -28.12 -12.94 -21.62
N ILE A 590 -29.04 -11.98 -21.72
CA ILE A 590 -28.74 -10.74 -22.50
C ILE A 590 -28.09 -9.58 -21.75
N PRO A 591 -27.51 -8.64 -22.50
CA PRO A 591 -26.92 -7.44 -21.93
C PRO A 591 -28.00 -6.50 -21.41
N ARG A 592 -28.14 -6.48 -20.09
CA ARG A 592 -29.04 -5.57 -19.42
C ARG A 592 -28.61 -4.07 -19.64
N SER A 593 -27.31 -3.80 -19.66
CA SER A 593 -26.84 -2.41 -19.76
C SER A 593 -25.54 -2.20 -20.59
N ILE A 594 -25.57 -1.18 -21.44
CA ILE A 594 -24.42 -0.80 -22.26
C ILE A 594 -24.16 0.68 -21.99
N LEU A 595 -22.90 1.09 -22.02
CA LEU A 595 -22.64 2.48 -21.72
C LEU A 595 -21.37 2.95 -22.34
N MET A 596 -21.44 4.17 -22.90
CA MET A 596 -20.32 4.97 -23.41
C MET A 596 -19.96 6.09 -22.44
N THR A 597 -18.68 6.16 -22.06
CA THR A 597 -18.17 7.21 -21.16
C THR A 597 -16.81 7.79 -21.58
N THR A 598 -16.38 8.81 -20.84
CA THR A 598 -15.07 9.43 -21.06
C THR A 598 -14.51 9.95 -19.74
N PHE A 599 -13.18 10.05 -19.67
CA PHE A 599 -12.48 10.42 -18.44
C PHE A 599 -11.29 11.31 -18.69
N GLU A 600 -10.37 10.79 -19.49
CA GLU A 600 -9.16 11.50 -19.85
C GLU A 600 -9.02 11.43 -21.36
N SER A 601 -8.00 10.71 -21.81
CA SER A 601 -7.73 10.51 -23.22
C SER A 601 -8.06 9.08 -23.62
N SER A 602 -9.36 8.82 -23.74
CA SER A 602 -9.91 7.58 -24.28
C SER A 602 -11.41 7.61 -24.02
N HIS A 603 -12.18 7.23 -25.03
CA HIS A 603 -13.62 7.06 -24.88
C HIS A 603 -13.89 5.59 -24.52
N TYR A 604 -14.97 5.35 -23.77
CA TYR A 604 -15.19 4.04 -23.12
C TYR A 604 -16.54 3.36 -23.45
N LEU A 605 -16.48 2.04 -23.63
CA LEU A 605 -17.68 1.20 -23.71
C LEU A 605 -17.64 0.03 -22.73
N LEU A 606 -18.70 -0.09 -21.95
CA LEU A 606 -18.84 -1.18 -21.02
C LEU A 606 -20.19 -1.84 -21.24
N CYS A 607 -20.26 -3.14 -20.97
CA CYS A 607 -21.50 -3.87 -21.18
C CYS A 607 -21.86 -4.91 -20.11
N ALA A 608 -22.88 -4.57 -19.33
CA ALA A 608 -23.40 -5.42 -18.28
C ALA A 608 -24.37 -6.47 -18.79
N LEU A 609 -24.20 -7.69 -18.30
CA LEU A 609 -25.16 -8.77 -18.53
C LEU A 609 -25.92 -9.10 -17.25
N GLY A 610 -26.90 -9.99 -17.37
CA GLY A 610 -27.79 -10.25 -16.27
C GLY A 610 -27.25 -11.26 -15.28
N ASP A 611 -26.10 -11.83 -15.59
CA ASP A 611 -25.43 -12.80 -14.72
C ASP A 611 -24.49 -12.12 -13.72
N GLY A 612 -24.65 -10.82 -13.57
CA GLY A 612 -23.79 -10.01 -12.69
C GLY A 612 -22.52 -9.51 -13.39
N ALA A 613 -22.17 -10.16 -14.48
CA ALA A 613 -20.83 -10.05 -15.00
C ALA A 613 -20.78 -9.03 -16.09
N LEU A 614 -19.59 -8.51 -16.33
CA LEU A 614 -19.47 -7.42 -17.23
C LEU A 614 -18.37 -7.68 -18.23
N PHE A 615 -18.59 -7.29 -19.48
CA PHE A 615 -17.57 -7.32 -20.50
C PHE A 615 -17.14 -5.88 -20.75
N TYR A 616 -15.83 -5.63 -20.85
CA TYR A 616 -15.34 -4.24 -20.91
C TYR A 616 -14.38 -3.89 -22.04
N PHE A 617 -14.65 -2.75 -22.69
CA PHE A 617 -14.02 -2.33 -23.96
C PHE A 617 -13.75 -0.78 -24.11
N GLY A 618 -12.84 -0.42 -25.01
CA GLY A 618 -12.46 0.97 -25.29
C GLY A 618 -12.75 1.40 -26.73
N LEU A 619 -13.63 2.39 -26.88
CA LEU A 619 -14.11 2.85 -28.18
C LEU A 619 -13.26 3.99 -28.80
N ASN A 620 -13.87 4.70 -29.75
CA ASN A 620 -13.19 5.58 -30.68
C ASN A 620 -14.15 6.63 -31.18
N ILE A 621 -14.07 7.84 -30.64
CA ILE A 621 -14.86 8.98 -31.13
C ILE A 621 -14.82 9.08 -32.65
N GLU A 622 -13.69 8.65 -33.22
CA GLU A 622 -13.44 8.73 -34.65
C GLU A 622 -13.87 7.43 -35.34
N THR A 623 -13.01 6.42 -35.24
CA THR A 623 -13.17 5.18 -36.00
C THR A 623 -14.40 4.37 -35.63
N GLY A 624 -14.28 3.59 -34.56
CA GLY A 624 -15.29 2.57 -34.24
C GLY A 624 -14.74 1.19 -34.54
N LEU A 625 -14.10 0.58 -33.53
CA LEU A 625 -13.52 -0.74 -33.69
C LEU A 625 -13.79 -1.61 -32.47
N LEU A 626 -12.88 -2.55 -32.20
CA LEU A 626 -13.02 -3.45 -31.06
C LEU A 626 -11.77 -3.42 -30.19
N SER A 627 -11.93 -3.02 -28.93
CA SER A 627 -10.82 -2.95 -28.00
C SER A 627 -10.23 -4.35 -27.73
N ASP A 628 -10.41 -4.83 -26.50
CA ASP A 628 -9.91 -6.14 -26.11
C ASP A 628 -11.01 -7.10 -25.68
N ARG A 629 -10.98 -7.49 -24.42
CA ARG A 629 -11.97 -8.44 -23.87
C ARG A 629 -11.62 -9.06 -22.53
N LYS A 630 -12.49 -8.81 -21.54
CA LYS A 630 -12.48 -9.53 -20.27
C LYS A 630 -13.90 -9.67 -19.64
N LYS A 631 -13.97 -10.37 -18.52
CA LYS A 631 -15.23 -10.75 -17.92
C LYS A 631 -15.12 -10.79 -16.41
N VAL A 632 -15.75 -9.83 -15.74
CA VAL A 632 -15.75 -9.78 -14.30
C VAL A 632 -16.96 -10.49 -13.73
N THR A 633 -17.37 -10.10 -12.54
CA THR A 633 -18.51 -10.76 -11.96
C THR A 633 -18.94 -10.00 -10.74
N LEU A 634 -19.36 -8.76 -10.92
CA LEU A 634 -19.87 -8.02 -9.82
C LEU A 634 -21.07 -8.78 -9.37
N GLY A 635 -22.07 -8.06 -8.94
CA GLY A 635 -23.20 -8.75 -8.34
C GLY A 635 -23.98 -9.69 -9.25
N THR A 636 -24.21 -10.91 -8.79
CA THR A 636 -24.95 -11.88 -9.57
C THR A 636 -26.01 -11.17 -10.39
N GLN A 637 -26.91 -10.48 -9.71
CA GLN A 637 -27.94 -9.68 -10.39
C GLN A 637 -27.36 -8.76 -11.47
N PRO A 638 -28.15 -8.49 -12.53
CA PRO A 638 -27.78 -7.56 -13.59
C PRO A 638 -27.32 -6.21 -13.05
N THR A 639 -26.39 -5.58 -13.75
CA THR A 639 -25.77 -4.39 -13.28
C THR A 639 -26.23 -3.15 -14.07
N VAL A 640 -26.66 -2.11 -13.36
CA VAL A 640 -27.11 -0.86 -14.02
C VAL A 640 -25.99 0.16 -13.95
N LEU A 641 -25.37 0.43 -15.10
CA LEU A 641 -24.22 1.34 -15.17
C LEU A 641 -24.72 2.77 -15.27
N ARG A 642 -23.99 3.69 -14.66
CA ARG A 642 -24.38 5.11 -14.57
C ARG A 642 -23.15 5.94 -14.23
N THR A 643 -23.28 7.26 -14.32
CA THR A 643 -22.20 8.19 -14.03
C THR A 643 -22.61 9.27 -13.02
N PHE A 644 -21.72 9.51 -12.06
CA PHE A 644 -21.96 10.37 -10.91
C PHE A 644 -21.12 11.65 -10.96
N ARG A 645 -21.53 12.65 -10.16
CA ARG A 645 -20.72 13.85 -9.94
C ARG A 645 -19.80 13.66 -8.71
N SER A 646 -18.49 13.76 -8.94
CA SER A 646 -17.47 13.57 -7.89
C SER A 646 -16.39 14.66 -7.81
N LEU A 647 -15.35 14.56 -8.64
CA LEU A 647 -14.27 15.54 -8.68
C LEU A 647 -14.00 16.02 -10.12
N SER A 648 -12.76 15.87 -10.60
CA SER A 648 -12.38 16.31 -11.94
C SER A 648 -12.32 15.16 -12.96
N THR A 649 -12.49 13.94 -12.48
CA THR A 649 -12.59 12.77 -13.36
C THR A 649 -13.91 12.01 -13.09
N THR A 650 -15.00 12.76 -12.94
CA THR A 650 -16.34 12.25 -12.55
C THR A 650 -16.65 10.87 -13.15
N ASN A 651 -17.12 9.92 -12.31
CA ASN A 651 -16.91 8.49 -12.62
C ASN A 651 -18.11 7.58 -12.90
N VAL A 652 -17.85 6.26 -12.97
CA VAL A 652 -18.86 5.21 -13.23
C VAL A 652 -19.29 4.31 -12.03
N PHE A 653 -20.54 4.49 -11.60
CA PHE A 653 -21.12 3.74 -10.48
C PHE A 653 -21.91 2.57 -11.03
N ALA A 654 -21.67 1.38 -10.51
CA ALA A 654 -22.31 0.18 -11.04
C ALA A 654 -23.24 -0.48 -10.02
N CYS A 655 -24.52 -0.64 -10.36
CA CYS A 655 -25.52 -1.11 -9.40
C CYS A 655 -25.82 -2.57 -9.55
N SER A 656 -25.28 -3.36 -8.64
CA SER A 656 -25.49 -4.79 -8.56
C SER A 656 -26.08 -5.09 -7.19
N ASP A 657 -26.13 -6.37 -6.86
CA ASP A 657 -26.25 -6.78 -5.48
C ASP A 657 -24.97 -6.42 -4.72
N ARG A 658 -23.88 -6.24 -5.47
CA ARG A 658 -22.59 -5.82 -4.93
C ARG A 658 -22.14 -4.49 -5.58
N PRO A 659 -22.73 -3.36 -5.12
CA PRO A 659 -22.54 -2.02 -5.70
C PRO A 659 -21.08 -1.74 -5.80
N THR A 660 -20.69 -1.04 -6.84
CA THR A 660 -19.29 -1.01 -7.24
C THR A 660 -19.02 0.29 -7.95
N VAL A 661 -17.95 0.94 -7.57
CA VAL A 661 -17.47 2.05 -8.37
C VAL A 661 -16.42 1.63 -9.33
N ILE A 662 -16.51 2.25 -10.51
CA ILE A 662 -15.50 2.21 -11.55
C ILE A 662 -14.89 3.62 -11.75
N TYR A 663 -13.67 3.81 -11.19
CA TYR A 663 -12.90 5.08 -11.20
C TYR A 663 -11.84 5.09 -12.31
N SER A 664 -10.66 5.63 -12.03
CA SER A 664 -9.54 5.69 -13.00
C SER A 664 -8.14 5.43 -12.40
N SER A 665 -7.47 4.39 -12.89
CA SER A 665 -6.13 4.02 -12.41
C SER A 665 -5.02 4.86 -13.06
N ASN A 666 -4.13 4.25 -13.83
CA ASN A 666 -3.07 5.02 -14.49
C ASN A 666 -3.72 6.10 -15.34
N HIS A 667 -4.53 5.60 -16.27
CA HIS A 667 -5.53 6.33 -17.01
C HIS A 667 -6.57 5.25 -17.21
N LYS A 668 -6.33 4.13 -16.52
CA LYS A 668 -7.14 2.92 -16.63
C LYS A 668 -8.52 3.09 -16.00
N LEU A 669 -8.75 2.44 -14.87
CA LEU A 669 -10.12 2.48 -14.28
C LEU A 669 -10.27 1.64 -13.03
N VAL A 670 -10.58 2.22 -11.86
CA VAL A 670 -10.65 1.42 -10.61
C VAL A 670 -11.91 0.56 -10.52
N PHE A 671 -11.81 -0.55 -9.76
CA PHE A 671 -12.88 -1.52 -9.52
C PHE A 671 -13.10 -1.85 -8.02
N SER A 672 -13.26 -0.80 -7.20
CA SER A 672 -13.35 -0.95 -5.74
C SER A 672 -14.80 -1.18 -5.34
N ASN A 673 -15.02 -1.89 -4.23
CA ASN A 673 -16.35 -2.02 -3.67
C ASN A 673 -16.94 -0.71 -3.13
N VAL A 674 -18.25 -0.63 -3.24
CA VAL A 674 -18.96 0.39 -2.52
C VAL A 674 -19.63 -0.24 -1.29
N ASN A 675 -19.46 0.44 -0.17
CA ASN A 675 -19.88 -0.08 1.08
C ASN A 675 -21.36 0.10 1.37
N LEU A 676 -22.18 -0.66 0.66
CA LEU A 676 -23.62 -0.55 0.83
C LEU A 676 -24.25 -1.89 0.62
N LYS A 677 -25.43 -2.00 1.20
CA LYS A 677 -26.22 -3.22 1.31
C LYS A 677 -26.38 -3.82 -0.10
N GLU A 678 -27.11 -3.10 -0.95
CA GLU A 678 -27.44 -3.49 -2.32
C GLU A 678 -27.99 -2.23 -2.91
N VAL A 679 -27.57 -1.87 -4.12
CA VAL A 679 -28.08 -0.68 -4.74
C VAL A 679 -28.75 -1.06 -6.05
N ASN A 680 -29.94 -0.51 -6.29
CA ASN A 680 -30.73 -0.84 -7.47
C ASN A 680 -30.50 0.06 -8.64
N TYR A 681 -30.78 1.35 -8.42
CA TYR A 681 -30.50 2.42 -9.41
C TYR A 681 -29.92 3.54 -8.59
N MET A 682 -29.26 4.47 -9.27
CA MET A 682 -28.53 5.52 -8.59
C MET A 682 -28.33 6.68 -9.56
N CYS A 683 -28.37 7.92 -9.04
CA CYS A 683 -28.10 9.14 -9.85
C CYS A 683 -27.52 10.29 -9.02
N PRO A 684 -26.62 11.10 -9.63
CA PRO A 684 -26.13 12.35 -9.04
C PRO A 684 -27.27 13.32 -8.78
N LEU A 685 -27.19 14.05 -7.65
CA LEU A 685 -28.23 14.98 -7.20
C LEU A 685 -27.58 16.18 -6.49
N ASN A 686 -28.39 17.10 -5.95
CA ASN A 686 -27.85 18.40 -5.45
C ASN A 686 -28.83 19.51 -4.96
N SER A 687 -29.91 19.17 -4.26
CA SER A 687 -30.88 20.20 -3.82
C SER A 687 -30.34 21.17 -2.74
N ASP A 688 -31.10 22.24 -2.46
CA ASP A 688 -30.80 23.07 -1.30
C ASP A 688 -31.40 22.39 -0.06
N GLY A 689 -30.60 21.51 0.51
CA GLY A 689 -31.07 20.53 1.48
C GLY A 689 -30.40 19.16 1.30
N TYR A 690 -29.71 18.95 0.16
CA TYR A 690 -28.91 17.75 -0.14
C TYR A 690 -27.87 17.93 -1.29
N PRO A 691 -26.95 18.92 -1.20
CA PRO A 691 -25.96 19.18 -2.29
C PRO A 691 -24.95 18.04 -2.54
N ASP A 692 -24.14 18.15 -3.58
CA ASP A 692 -23.23 17.08 -3.99
C ASP A 692 -23.75 15.71 -3.49
N SER A 693 -25.01 15.44 -3.80
CA SER A 693 -25.67 14.24 -3.35
C SER A 693 -25.60 13.21 -4.46
N LEU A 694 -25.65 11.94 -4.08
CA LEU A 694 -25.90 10.86 -5.01
C LEU A 694 -27.16 10.18 -4.46
N ALA A 695 -28.03 9.72 -5.37
CA ALA A 695 -29.30 9.17 -4.94
C ALA A 695 -29.40 7.73 -5.36
N LEU A 696 -29.83 6.89 -4.44
CA LEU A 696 -29.65 5.48 -4.61
C LEU A 696 -30.85 4.74 -4.05
N ALA A 697 -31.58 4.06 -4.93
CA ALA A 697 -32.77 3.32 -4.53
C ALA A 697 -32.34 1.91 -4.21
N ASN A 698 -32.93 1.28 -3.21
CA ASN A 698 -32.73 -0.16 -3.03
C ASN A 698 -34.03 -0.95 -3.00
N ASN A 699 -33.94 -2.19 -2.55
CA ASN A 699 -35.12 -3.07 -2.45
C ASN A 699 -36.31 -2.33 -1.85
N SER A 700 -36.00 -1.34 -1.00
CA SER A 700 -36.93 -0.32 -0.52
C SER A 700 -36.17 0.74 0.26
N THR A 701 -36.01 1.93 -0.33
CA THR A 701 -35.42 3.09 0.33
C THR A 701 -34.78 4.01 -0.68
N LEU A 702 -35.19 5.27 -0.67
CA LEU A 702 -34.36 6.28 -1.30
C LEU A 702 -33.33 6.72 -0.25
N THR A 703 -32.10 6.94 -0.73
CA THR A 703 -30.97 7.47 0.06
C THR A 703 -30.18 8.51 -0.77
N ILE A 704 -29.29 9.24 -0.09
CA ILE A 704 -28.54 10.38 -0.66
C ILE A 704 -27.29 10.72 0.20
N GLY A 705 -26.14 11.01 -0.43
CA GLY A 705 -24.87 11.25 0.29
C GLY A 705 -23.59 11.55 -0.52
N THR A 706 -22.50 11.93 0.15
CA THR A 706 -21.24 12.04 -0.63
C THR A 706 -20.42 10.73 -0.50
N ILE A 707 -19.23 10.71 -1.12
CA ILE A 707 -18.52 9.48 -1.39
C ILE A 707 -17.08 9.71 -1.02
N ASP A 708 -16.47 8.76 -0.31
CA ASP A 708 -15.03 8.86 0.10
C ASP A 708 -14.08 8.73 -1.09
N GLU A 709 -12.78 8.65 -0.81
CA GLU A 709 -11.73 8.52 -1.83
C GLU A 709 -12.14 7.60 -2.99
N ILE A 710 -11.43 6.48 -3.14
CA ILE A 710 -11.44 5.70 -4.39
C ILE A 710 -10.86 4.31 -4.07
N GLN A 711 -9.54 4.24 -4.11
CA GLN A 711 -8.71 3.11 -3.72
C GLN A 711 -9.49 1.94 -3.16
N LYS A 712 -9.11 0.72 -3.53
CA LYS A 712 -9.67 -0.46 -2.87
C LYS A 712 -9.73 -0.24 -1.34
N LEU A 713 -8.77 0.56 -0.83
CA LEU A 713 -8.61 0.91 0.60
C LEU A 713 -8.67 2.41 0.85
N HIS A 714 -9.43 2.82 1.85
CA HIS A 714 -9.29 4.15 2.36
C HIS A 714 -8.45 4.11 3.64
N ILE A 715 -7.48 5.02 3.72
CA ILE A 715 -6.61 5.14 4.88
C ILE A 715 -6.79 6.47 5.58
N ARG A 716 -7.15 6.44 6.86
CA ARG A 716 -7.32 7.63 7.67
C ARG A 716 -6.17 7.67 8.68
N THR A 717 -5.36 8.72 8.63
CA THR A 717 -4.21 8.83 9.51
C THR A 717 -4.38 9.77 10.71
N VAL A 718 -3.53 9.57 11.71
CA VAL A 718 -3.51 10.37 12.93
C VAL A 718 -2.07 10.68 13.33
N PRO A 719 -1.59 11.85 12.92
CA PRO A 719 -0.22 12.27 13.23
C PRO A 719 0.11 12.23 14.72
N LEU A 720 1.03 11.40 15.17
CA LEU A 720 1.35 11.41 16.61
C LEU A 720 2.60 12.23 17.00
N TYR A 721 3.50 12.46 16.05
CA TYR A 721 4.68 13.29 16.30
C TYR A 721 5.67 12.63 17.25
N GLU A 722 5.36 11.43 17.69
CA GLU A 722 6.33 10.63 18.38
C GLU A 722 6.04 9.25 17.78
N SER A 723 6.65 8.21 18.30
CA SER A 723 6.64 6.93 17.67
C SER A 723 5.79 5.93 18.43
N PRO A 724 4.66 5.50 17.87
CA PRO A 724 3.78 4.60 18.58
C PRO A 724 4.41 3.23 18.68
N ARG A 725 4.03 2.45 19.68
CA ARG A 725 4.70 1.17 19.86
C ARG A 725 3.67 0.05 19.99
N LYS A 726 2.64 0.20 20.81
CA LYS A 726 1.59 -0.85 20.92
C LYS A 726 0.15 -0.36 20.77
N ILE A 727 -0.80 -1.24 20.54
CA ILE A 727 -2.13 -0.74 20.43
C ILE A 727 -3.22 -1.71 20.86
N CYS A 728 -4.05 -1.27 21.83
CA CYS A 728 -5.26 -1.98 22.32
C CYS A 728 -6.56 -1.21 22.14
N TYR A 729 -7.61 -1.97 21.82
CA TYR A 729 -8.94 -1.40 21.75
C TYR A 729 -9.72 -1.87 22.99
N GLN A 730 -9.88 -0.98 23.99
CA GLN A 730 -10.76 -1.23 25.15
C GLN A 730 -12.16 -0.67 24.83
N GLU A 731 -13.10 -1.58 24.60
CA GLU A 731 -14.32 -1.21 23.91
C GLU A 731 -15.25 -0.41 24.77
N VAL A 732 -15.79 -1.04 25.82
CA VAL A 732 -16.53 -0.32 26.86
C VAL A 732 -16.10 1.15 27.09
N SER A 733 -14.81 1.47 26.99
CA SER A 733 -14.39 2.86 27.12
C SER A 733 -14.28 3.59 25.79
N GLN A 734 -14.73 2.93 24.72
CA GLN A 734 -14.73 3.52 23.38
C GLN A 734 -13.40 4.22 23.05
N CYS A 735 -12.30 3.60 23.43
CA CYS A 735 -11.02 4.20 23.12
C CYS A 735 -9.88 3.20 22.87
N PHE A 736 -8.73 3.76 22.62
CA PHE A 736 -7.59 2.96 22.30
C PHE A 736 -6.50 3.20 23.33
N GLY A 737 -5.74 2.16 23.64
CA GLY A 737 -4.51 2.40 24.36
C GLY A 737 -3.30 2.36 23.45
N VAL A 738 -2.40 3.29 23.63
CA VAL A 738 -1.30 3.28 22.73
C VAL A 738 0.02 3.57 23.44
N LEU A 739 0.94 2.63 23.41
CA LEU A 739 2.17 2.89 24.05
C LEU A 739 2.90 3.76 23.07
N SER A 740 3.74 4.66 23.55
CA SER A 740 4.31 5.69 22.70
C SER A 740 5.61 6.12 23.31
N SER A 741 6.46 6.73 22.53
CA SER A 741 7.81 6.87 22.97
C SER A 741 8.27 8.16 22.38
N ARG A 742 8.83 9.03 23.20
CA ARG A 742 9.23 10.27 22.62
C ARG A 742 10.66 10.47 23.06
N ILE A 743 11.43 11.19 22.25
CA ILE A 743 12.78 11.48 22.60
C ILE A 743 12.94 12.89 23.22
N GLU A 744 13.95 13.00 24.10
CA GLU A 744 14.30 14.24 24.79
C GLU A 744 15.79 14.33 24.80
N VAL A 745 16.32 15.55 24.95
CA VAL A 745 17.77 15.74 25.05
C VAL A 745 18.09 16.25 26.46
N GLN A 746 19.32 15.95 26.90
CA GLN A 746 19.89 16.45 28.17
C GLN A 746 19.86 17.98 28.24
N ASP A 747 19.62 18.54 29.43
CA ASP A 747 19.55 19.99 29.56
C ASP A 747 20.90 20.60 29.95
N THR A 748 20.85 21.84 30.45
CA THR A 748 22.00 22.47 31.10
C THR A 748 21.74 22.45 32.61
N SER A 749 20.46 22.38 32.98
CA SER A 749 20.08 21.86 34.29
C SER A 749 20.04 20.32 34.22
N GLY A 750 20.65 19.77 33.15
CA GLY A 750 20.95 18.36 33.02
C GLY A 750 19.76 17.47 32.72
N GLY A 751 18.59 17.84 33.26
CA GLY A 751 17.33 17.11 33.06
C GLY A 751 16.94 17.01 31.60
N THR A 752 15.69 16.64 31.31
CA THR A 752 15.28 16.53 29.90
C THR A 752 14.07 17.35 29.48
N THR A 753 14.16 17.83 28.25
CA THR A 753 13.25 18.81 27.73
C THR A 753 12.31 18.22 26.70
N ALA A 754 12.80 17.94 25.48
CA ALA A 754 11.96 17.59 24.33
C ALA A 754 12.35 18.44 23.10
N LEU A 755 12.09 17.91 21.90
CA LEU A 755 12.55 18.59 20.67
C LEU A 755 11.44 19.26 19.85
N ARG A 756 10.19 18.93 20.20
CA ARG A 756 8.95 19.32 19.51
C ARG A 756 7.73 18.85 20.37
N PRO A 757 6.60 19.58 20.30
CA PRO A 757 5.48 19.03 21.03
C PRO A 757 5.09 17.73 20.38
N SER A 758 4.83 16.71 21.19
CA SER A 758 4.44 15.39 20.74
C SER A 758 2.97 15.22 21.02
N ALA A 759 2.51 14.00 20.98
CA ALA A 759 1.13 13.73 21.33
C ALA A 759 1.00 13.42 22.78
N SER A 760 2.13 13.19 23.45
CA SER A 760 2.11 12.95 24.89
C SER A 760 2.32 14.29 25.67
N THR A 761 2.83 15.29 25.00
CA THR A 761 2.97 16.53 25.66
C THR A 761 1.72 17.39 25.41
N GLN A 762 1.14 17.34 24.21
CA GLN A 762 -0.16 17.97 23.93
C GLN A 762 -1.38 17.13 24.37
N ALA A 763 -1.20 16.14 25.24
CA ALA A 763 -2.37 15.45 25.87
C ALA A 763 -3.51 16.40 26.38
N LEU A 764 -4.76 15.96 26.44
CA LEU A 764 -5.80 16.85 27.03
C LEU A 764 -5.72 16.92 28.58
N SER A 765 -5.79 15.76 29.24
CA SER A 765 -5.35 15.63 30.63
C SER A 765 -4.01 14.88 30.64
N SER A 766 -3.59 14.34 31.80
CA SER A 766 -2.25 13.73 31.94
C SER A 766 -1.83 13.31 33.36
N SER A 767 -0.68 12.62 33.46
CA SER A 767 -0.24 11.89 34.66
C SER A 767 1.22 11.67 34.59
N VAL A 768 1.88 11.54 35.73
CA VAL A 768 3.15 10.90 35.69
C VAL A 768 3.07 9.69 36.60
N SER A 769 4.06 8.80 36.48
CA SER A 769 4.18 7.71 37.44
C SER A 769 4.78 8.34 38.70
N SER A 770 4.15 8.01 39.82
CA SER A 770 4.53 8.55 41.10
C SER A 770 5.36 7.47 41.77
N SER A 771 4.80 6.25 41.83
CA SER A 771 5.50 5.02 42.30
C SER A 771 7.04 5.09 42.62
N LYS A 772 7.45 4.40 43.67
CA LYS A 772 8.79 4.61 44.19
C LYS A 772 9.63 3.33 44.24
N LEU A 773 9.31 2.38 43.36
CA LEU A 773 9.80 0.99 43.45
C LEU A 773 11.30 0.76 43.27
N PHE A 774 12.01 1.79 42.83
CA PHE A 774 13.44 1.67 42.62
C PHE A 774 14.19 2.86 43.29
N SER A 775 15.52 2.92 43.15
CA SER A 775 16.36 3.96 43.81
C SER A 775 17.48 4.55 42.96
N SER A 776 18.37 3.67 42.50
CA SER A 776 19.63 4.07 41.85
C SER A 776 19.49 4.14 40.32
N GLY A 786 22.26 17.63 24.34
CA GLY A 786 23.17 16.51 24.11
C GLY A 786 22.51 15.15 24.28
N GLU A 787 23.03 14.35 25.22
CA GLU A 787 22.58 12.96 25.50
C GLU A 787 21.11 12.70 25.23
N GLU A 788 20.82 11.57 24.58
CA GLU A 788 19.43 11.31 24.24
C GLU A 788 18.77 10.33 25.19
N VAL A 789 17.47 10.52 25.40
CA VAL A 789 16.69 9.58 26.16
C VAL A 789 15.26 9.47 25.54
N GLU A 790 14.53 8.49 26.04
CA GLU A 790 13.28 8.09 25.51
C GLU A 790 12.32 8.22 26.67
N VAL A 791 11.11 8.70 26.42
CA VAL A 791 10.18 8.93 27.49
C VAL A 791 8.92 8.26 27.06
N HIS A 792 8.42 7.34 27.87
CA HIS A 792 7.32 6.50 27.44
C HIS A 792 5.96 6.82 28.06
N ASN A 793 4.89 6.64 27.27
CA ASN A 793 3.53 6.94 27.71
C ASN A 793 2.56 5.83 27.38
N LEU A 794 1.48 5.78 28.14
CA LEU A 794 0.28 5.16 27.69
C LEU A 794 -0.57 6.33 27.18
N LEU A 795 -1.12 6.23 25.98
CA LEU A 795 -1.99 7.32 25.47
C LEU A 795 -3.39 6.84 25.57
N ILE A 796 -4.33 7.76 25.70
CA ILE A 796 -5.73 7.34 25.67
C ILE A 796 -6.46 8.00 24.52
N ILE A 797 -6.94 7.19 23.58
CA ILE A 797 -7.34 7.75 22.31
C ILE A 797 -8.80 7.52 22.05
N ASP A 798 -9.48 8.62 21.78
CA ASP A 798 -10.87 8.52 21.49
C ASP A 798 -11.11 7.83 20.15
N GLN A 799 -11.89 6.76 20.17
CA GLN A 799 -12.10 6.04 18.91
C GLN A 799 -12.79 6.88 17.86
N HIS A 800 -13.64 7.80 18.26
CA HIS A 800 -14.32 8.63 17.27
C HIS A 800 -13.48 9.79 16.79
N THR A 801 -12.91 10.53 17.71
CA THR A 801 -12.21 11.74 17.32
C THR A 801 -10.71 11.60 17.09
N PHE A 802 -10.13 10.46 17.51
CA PHE A 802 -8.68 10.23 17.57
C PHE A 802 -7.87 11.36 18.26
N GLU A 803 -8.37 11.72 19.44
CA GLU A 803 -7.75 12.68 20.33
C GLU A 803 -7.12 11.91 21.47
N VAL A 804 -5.87 12.25 21.77
CA VAL A 804 -5.29 11.93 23.06
C VAL A 804 -6.17 12.50 24.17
N LEU A 805 -7.18 11.76 24.59
CA LEU A 805 -7.83 12.10 25.85
C LEU A 805 -6.75 12.24 26.95
N HIS A 806 -6.34 11.14 27.58
CA HIS A 806 -5.36 11.19 28.64
C HIS A 806 -3.94 10.70 28.25
N ALA A 807 -2.90 11.25 28.91
CA ALA A 807 -1.54 10.71 28.80
C ALA A 807 -0.89 10.34 30.12
N HIS A 808 -0.50 9.08 30.28
CA HIS A 808 0.32 8.69 31.42
C HIS A 808 1.81 8.54 31.12
N GLN A 809 2.66 9.28 31.82
CA GLN A 809 4.12 9.18 31.58
C GLN A 809 4.80 8.25 32.59
N PHE A 810 5.65 7.35 32.10
CA PHE A 810 6.28 6.36 32.98
C PHE A 810 7.52 6.96 33.61
N LEU A 811 8.21 6.14 34.42
CA LEU A 811 9.37 6.58 35.21
C LEU A 811 10.50 7.12 34.38
N GLN A 812 11.66 7.31 34.98
CA GLN A 812 12.75 7.84 34.23
C GLN A 812 13.63 6.70 33.85
N ASN A 813 13.59 6.36 32.57
CA ASN A 813 14.29 5.25 31.95
C ASN A 813 13.51 3.95 32.03
N GLU A 814 12.19 4.08 32.07
CA GLU A 814 11.29 2.95 32.02
C GLU A 814 10.61 2.85 30.64
N TYR A 815 10.75 1.73 29.94
CA TYR A 815 10.15 1.59 28.61
C TYR A 815 8.96 0.67 28.70
N ALA A 816 7.80 1.10 28.24
CA ALA A 816 6.62 0.22 28.26
C ALA A 816 6.62 -0.62 27.01
N LEU A 817 6.56 -1.93 27.12
CA LEU A 817 6.77 -2.81 25.96
C LEU A 817 5.54 -3.70 25.64
N SER A 818 4.57 -3.77 26.53
CA SER A 818 3.40 -4.57 26.23
C SER A 818 2.10 -3.93 26.71
N LEU A 819 1.04 -4.16 25.95
CA LEU A 819 -0.24 -3.61 26.33
C LEU A 819 -1.43 -4.58 26.14
N VAL A 820 -2.17 -4.88 27.20
CA VAL A 820 -3.42 -5.57 27.00
C VAL A 820 -4.60 -4.75 27.53
N SER A 821 -5.77 -5.06 27.01
CA SER A 821 -6.96 -4.49 27.55
C SER A 821 -7.94 -5.58 27.98
N CYS A 822 -7.94 -5.91 29.27
CA CYS A 822 -8.77 -7.02 29.70
C CYS A 822 -9.45 -6.85 31.05
N LYS A 823 -10.57 -7.58 31.22
CA LYS A 823 -11.14 -7.93 32.53
C LYS A 823 -10.28 -9.01 33.12
N LEU A 824 -10.12 -9.05 34.43
CA LEU A 824 -9.37 -10.15 35.03
C LEU A 824 -10.08 -10.76 36.23
N GLY A 825 -9.81 -12.04 36.49
CA GLY A 825 -10.42 -12.78 37.62
C GLY A 825 -11.91 -12.54 37.81
N LYS A 826 -12.37 -12.49 39.07
CA LYS A 826 -13.78 -12.21 39.38
C LYS A 826 -14.17 -10.78 38.95
N ASP A 827 -13.24 -9.86 39.20
CA ASP A 827 -13.24 -8.42 38.83
C ASP A 827 -13.98 -7.99 37.54
N PRO A 828 -15.11 -7.26 37.68
CA PRO A 828 -15.96 -6.92 36.55
C PRO A 828 -15.42 -5.72 35.79
N ASN A 829 -14.32 -5.15 36.27
CA ASN A 829 -13.68 -4.02 35.64
C ASN A 829 -12.91 -4.41 34.42
N THR A 830 -12.73 -3.47 33.48
CA THR A 830 -11.91 -3.69 32.30
C THR A 830 -10.65 -2.84 32.35
N TYR A 831 -9.52 -3.50 32.56
CA TYR A 831 -8.26 -2.81 32.79
C TYR A 831 -7.43 -2.65 31.50
N PHE A 832 -6.48 -1.72 31.57
CA PHE A 832 -5.39 -1.60 30.62
C PHE A 832 -4.15 -2.03 31.36
N ILE A 833 -3.59 -3.19 30.99
CA ILE A 833 -2.33 -3.57 31.60
C ILE A 833 -1.16 -3.29 30.69
N VAL A 834 -0.11 -2.71 31.26
CA VAL A 834 1.12 -2.33 30.57
C VAL A 834 2.35 -2.92 31.25
N GLY A 835 3.04 -3.88 30.61
CA GLY A 835 4.30 -4.37 31.17
C GLY A 835 5.42 -3.45 30.75
N THR A 836 6.43 -3.30 31.62
CA THR A 836 7.47 -2.26 31.41
C THR A 836 8.87 -2.79 31.66
N ALA A 837 9.89 -1.91 31.63
CA ALA A 837 11.27 -2.35 31.72
C ALA A 837 12.26 -1.19 31.95
N MET A 838 13.21 -1.35 32.87
CA MET A 838 14.08 -0.22 33.13
C MET A 838 15.26 -0.45 32.26
N VAL A 839 15.80 0.59 31.66
CA VAL A 839 16.72 0.29 30.64
C VAL A 839 17.82 1.29 30.72
N TYR A 840 19.07 0.81 30.73
CA TYR A 840 20.24 1.67 30.77
C TYR A 840 21.24 1.17 29.75
N PRO A 841 21.68 2.06 28.84
CA PRO A 841 22.58 1.76 27.71
C PRO A 841 23.74 0.86 28.05
N GLU A 842 24.24 1.00 29.29
CA GLU A 842 25.31 0.18 29.83
C GLU A 842 24.85 -1.26 29.91
N GLU A 843 23.95 -1.55 30.85
CA GLU A 843 23.37 -2.88 31.04
C GLU A 843 22.97 -3.53 29.74
N ALA A 844 23.30 -4.82 29.61
CA ALA A 844 23.15 -5.56 28.37
C ALA A 844 21.67 -5.87 28.13
N GLU A 845 20.89 -5.69 29.18
CA GLU A 845 19.59 -6.31 29.23
C GLU A 845 19.04 -5.98 30.62
N PRO A 846 17.83 -5.38 30.68
CA PRO A 846 17.29 -4.99 31.97
C PRO A 846 17.11 -6.18 32.89
N LYS A 847 17.37 -5.93 34.16
CA LYS A 847 17.11 -6.86 35.26
C LYS A 847 15.89 -6.40 36.07
N GLN A 848 15.16 -5.40 35.59
CA GLN A 848 13.95 -4.97 36.30
C GLN A 848 12.93 -4.17 35.48
N GLY A 849 11.66 -4.42 35.76
CA GLY A 849 10.56 -3.67 35.19
C GLY A 849 9.31 -3.98 36.00
N ARG A 850 8.16 -3.54 35.54
CA ARG A 850 6.96 -3.73 36.33
C ARG A 850 5.74 -3.86 35.45
N ILE A 851 4.85 -4.74 35.84
CA ILE A 851 3.53 -4.77 35.30
C ILE A 851 2.63 -3.77 36.05
N VAL A 852 1.86 -2.95 35.33
CA VAL A 852 1.01 -1.91 35.92
C VAL A 852 -0.43 -2.07 35.44
N VAL A 853 -1.38 -1.95 36.35
CA VAL A 853 -2.77 -2.16 36.00
C VAL A 853 -3.53 -0.87 36.20
N PHE A 854 -4.09 -0.37 35.12
CA PHE A 854 -4.72 0.91 35.08
C PHE A 854 -6.17 0.74 34.70
N GLN A 855 -6.93 1.77 35.02
CA GLN A 855 -8.30 1.90 34.57
C GLN A 855 -8.59 3.34 34.20
N TYR A 856 -9.33 3.44 33.09
CA TYR A 856 -9.82 4.71 32.56
C TYR A 856 -11.35 4.83 32.82
N SER A 857 -11.76 6.00 33.29
CA SER A 857 -13.07 6.23 33.90
C SER A 857 -14.05 7.03 33.03
N ASP A 858 -14.67 8.01 33.69
CA ASP A 858 -15.43 9.06 33.02
C ASP A 858 -14.46 9.90 32.18
N GLY A 859 -13.20 9.90 32.59
CA GLY A 859 -12.14 10.68 31.94
C GLY A 859 -10.83 10.54 32.70
N LYS A 860 -10.84 9.67 33.72
CA LYS A 860 -9.69 9.50 34.59
C LYS A 860 -8.83 8.25 34.23
N LEU A 861 -7.54 8.33 34.49
CA LEU A 861 -6.67 7.16 34.43
C LEU A 861 -6.05 6.92 35.82
N GLN A 862 -6.45 5.85 36.49
CA GLN A 862 -5.94 5.58 37.82
C GLN A 862 -4.98 4.36 37.83
N THR A 863 -3.76 4.55 38.36
CA THR A 863 -2.87 3.43 38.67
C THR A 863 -3.57 2.45 39.68
N VAL A 864 -4.37 1.50 39.17
CA VAL A 864 -5.16 0.58 40.01
C VAL A 864 -4.34 -0.39 40.86
N ALA A 865 -3.06 -0.57 40.54
CA ALA A 865 -2.21 -1.61 41.16
C ALA A 865 -0.90 -1.69 40.43
N GLU A 866 0.21 -1.95 41.12
CA GLU A 866 1.47 -2.20 40.41
C GLU A 866 2.05 -3.58 40.74
N LYS A 867 3.30 -3.86 40.33
CA LYS A 867 3.92 -5.18 40.54
C LYS A 867 5.32 -5.24 39.99
N GLU A 868 6.34 -5.33 40.85
CA GLU A 868 7.70 -5.33 40.37
C GLU A 868 7.95 -6.63 39.63
N VAL A 869 8.96 -6.64 38.78
CA VAL A 869 9.54 -7.86 38.20
C VAL A 869 10.99 -7.61 37.82
N LYS A 870 11.74 -8.71 37.72
CA LYS A 870 13.18 -8.67 37.66
C LYS A 870 13.68 -8.76 36.21
N GLY A 871 12.83 -8.36 35.27
CA GLY A 871 13.18 -8.39 33.86
C GLY A 871 12.38 -7.38 33.05
N ALA A 872 12.36 -7.59 31.73
CA ALA A 872 11.57 -6.87 30.74
C ALA A 872 10.29 -7.63 30.38
N VAL A 873 9.12 -7.01 30.57
CA VAL A 873 7.87 -7.68 30.21
C VAL A 873 7.53 -7.56 28.73
N TYR A 874 8.01 -8.52 27.93
CA TYR A 874 8.09 -8.36 26.49
C TYR A 874 6.76 -8.46 25.84
N SER A 875 5.87 -9.16 26.51
CA SER A 875 4.59 -9.34 25.96
C SER A 875 3.72 -9.96 27.03
N MET A 876 2.41 -9.73 26.95
CA MET A 876 1.43 -10.43 27.79
C MET A 876 0.08 -10.66 27.13
N VAL A 877 -0.50 -11.83 27.25
CA VAL A 877 -1.87 -11.95 26.79
C VAL A 877 -2.80 -12.16 27.98
N GLU A 878 -4.08 -12.04 27.70
CA GLU A 878 -5.08 -12.36 28.69
C GLU A 878 -5.32 -13.85 28.46
N PHE A 879 -5.01 -14.64 29.48
CA PHE A 879 -5.16 -16.07 29.34
C PHE A 879 -6.60 -16.45 29.54
N ASN A 880 -7.00 -16.73 30.78
CA ASN A 880 -8.41 -16.90 31.08
C ASN A 880 -8.71 -16.22 32.37
N GLY A 881 -9.03 -14.94 32.30
CA GLY A 881 -9.18 -14.17 33.51
C GLY A 881 -7.90 -14.22 34.32
N LYS A 882 -6.85 -14.85 33.77
CA LYS A 882 -5.49 -14.78 34.34
C LYS A 882 -4.68 -13.91 33.40
N LEU A 883 -3.56 -13.38 33.90
CA LEU A 883 -2.63 -12.62 33.05
C LEU A 883 -1.31 -13.31 32.82
N LEU A 884 -1.24 -14.03 31.71
CA LEU A 884 0.00 -14.63 31.22
C LEU A 884 0.96 -13.58 30.61
N ALA A 885 2.25 -13.68 30.92
CA ALA A 885 3.19 -12.59 30.64
C ALA A 885 4.69 -12.92 30.55
N SER A 886 5.24 -12.97 29.33
CA SER A 886 6.69 -13.16 29.15
C SER A 886 7.47 -12.14 30.01
N ILE A 887 8.40 -12.62 30.85
CA ILE A 887 9.36 -11.77 31.56
C ILE A 887 10.75 -12.34 31.30
N ASN A 888 11.43 -11.75 30.32
CA ASN A 888 12.87 -11.80 30.15
C ASN A 888 13.53 -13.10 29.74
N SER A 889 12.79 -14.22 29.75
CA SER A 889 13.34 -15.63 29.90
C SER A 889 12.31 -16.56 30.55
N THR A 890 11.66 -16.02 31.58
CA THR A 890 10.55 -16.67 32.23
C THR A 890 9.22 -16.39 31.54
N VAL A 891 8.31 -17.35 31.58
CA VAL A 891 6.95 -17.12 31.09
C VAL A 891 6.02 -17.33 32.26
N ARG A 892 5.48 -16.23 32.82
CA ARG A 892 4.74 -16.33 34.06
C ARG A 892 3.27 -16.17 33.89
N LEU A 893 2.50 -16.86 34.75
CA LEU A 893 1.01 -16.81 34.67
C LEU A 893 0.33 -16.21 35.88
N TYR A 894 -0.08 -14.93 35.83
CA TYR A 894 -0.57 -14.23 37.02
C TYR A 894 -2.03 -14.38 37.33
N GLU A 895 -2.35 -14.11 38.59
CA GLU A 895 -3.73 -14.03 39.04
C GLU A 895 -4.09 -12.78 39.82
N TRP A 896 -5.29 -12.31 39.56
CA TRP A 896 -5.86 -11.17 40.21
C TRP A 896 -6.47 -11.61 41.55
N THR A 897 -5.82 -11.26 42.65
CA THR A 897 -6.48 -11.34 43.94
C THR A 897 -7.82 -10.59 43.89
N THR A 898 -8.73 -10.95 44.79
CA THR A 898 -9.97 -10.21 44.97
C THR A 898 -9.64 -8.93 45.73
N GLU A 899 -8.53 -8.96 46.46
CA GLU A 899 -7.93 -7.77 47.03
C GLU A 899 -7.52 -6.83 45.92
N LYS A 900 -7.61 -7.31 44.66
CA LYS A 900 -7.22 -6.59 43.43
C LYS A 900 -5.71 -6.34 43.34
N ASP A 901 -4.93 -7.42 43.38
CA ASP A 901 -3.47 -7.35 43.16
C ASP A 901 -3.01 -8.51 42.21
N VAL A 902 -1.97 -8.30 41.36
CA VAL A 902 -1.46 -9.47 40.56
C VAL A 902 -0.53 -10.38 41.39
N ARG A 903 -0.92 -11.65 41.57
CA ARG A 903 -0.05 -12.66 42.23
C ARG A 903 0.28 -13.98 41.45
N THR A 904 1.57 -14.26 41.37
CA THR A 904 2.13 -15.44 40.67
C THR A 904 1.37 -16.75 40.94
N GLU A 905 1.24 -17.57 39.90
CA GLU A 905 0.70 -18.91 40.06
C GLU A 905 1.72 -19.95 39.63
N CYS A 906 2.35 -19.71 38.48
CA CYS A 906 3.38 -20.60 37.94
C CYS A 906 4.24 -19.89 36.94
N ASN A 907 5.33 -20.57 36.58
CA ASN A 907 6.16 -20.15 35.46
C ASN A 907 7.03 -21.22 34.76
N HIS A 908 7.24 -20.99 33.46
CA HIS A 908 8.03 -21.81 32.60
C HIS A 908 9.35 -21.10 32.46
N TYR A 909 10.46 -21.85 32.45
CA TYR A 909 11.78 -21.21 32.49
C TYR A 909 12.61 -21.43 31.25
N ASN A 910 12.26 -22.46 30.49
CA ASN A 910 13.09 -22.94 29.39
C ASN A 910 13.00 -22.09 28.10
N ASN A 911 13.44 -20.84 28.16
CA ASN A 911 13.44 -19.98 26.99
C ASN A 911 14.71 -19.22 27.05
N ILE A 912 15.36 -19.03 25.93
CA ILE A 912 16.49 -18.13 25.92
C ILE A 912 16.05 -16.72 26.29
N MET A 913 14.90 -16.28 25.73
CA MET A 913 14.26 -14.96 25.95
C MET A 913 12.91 -14.84 25.24
N ALA A 914 11.82 -15.04 25.99
CA ALA A 914 10.42 -15.06 25.42
C ALA A 914 9.94 -13.68 24.93
N LEU A 915 9.87 -13.54 23.62
CA LEU A 915 9.56 -12.24 23.02
C LEU A 915 8.12 -12.08 22.70
N TYR A 916 7.41 -13.19 22.61
CA TYR A 916 6.11 -13.18 22.04
C TYR A 916 5.29 -14.28 22.68
N LEU A 917 4.00 -14.06 22.87
CA LEU A 917 3.12 -15.15 23.18
C LEU A 917 1.74 -14.95 22.58
N LYS A 918 0.98 -16.03 22.47
CA LYS A 918 -0.36 -15.99 21.92
C LYS A 918 -1.00 -17.21 22.53
N THR A 919 -2.30 -17.36 22.41
CA THR A 919 -3.02 -18.22 23.35
C THR A 919 -4.19 -18.83 22.64
N LYS A 920 -4.22 -20.14 22.52
CA LYS A 920 -5.37 -20.69 21.82
C LYS A 920 -6.42 -20.99 22.86
N GLY A 921 -7.55 -20.28 22.70
CA GLY A 921 -8.72 -20.25 23.60
C GLY A 921 -8.60 -21.10 24.84
N ASP A 922 -8.38 -22.40 24.60
CA ASP A 922 -8.05 -23.36 25.63
C ASP A 922 -6.76 -22.95 26.35
N PHE A 923 -6.07 -23.94 26.91
CA PHE A 923 -5.00 -23.67 27.84
C PHE A 923 -3.65 -23.85 27.17
N ILE A 924 -3.52 -23.29 25.96
CA ILE A 924 -2.34 -23.49 25.09
C ILE A 924 -1.65 -22.14 24.73
N LEU A 925 -0.30 -22.11 24.68
CA LEU A 925 0.56 -20.89 24.45
C LEU A 925 1.73 -21.18 23.47
N VAL A 926 2.65 -20.22 23.20
CA VAL A 926 3.69 -20.34 22.15
C VAL A 926 4.76 -19.20 22.20
N GLY A 927 6.05 -19.40 21.85
CA GLY A 927 7.00 -18.26 21.42
C GLY A 927 8.49 -18.17 21.86
N ASP A 928 9.36 -17.39 21.14
CA ASP A 928 10.87 -17.18 21.51
C ASP A 928 11.85 -16.42 20.58
N LEU A 929 12.84 -15.72 21.15
CA LEU A 929 13.79 -14.84 20.41
C LEU A 929 14.68 -15.52 19.38
N MET A 930 15.37 -16.57 19.79
CA MET A 930 16.25 -17.30 18.89
C MET A 930 16.17 -18.83 19.00
N ARG A 931 15.16 -19.43 18.37
CA ARG A 931 15.03 -20.89 18.34
C ARG A 931 14.07 -21.50 19.38
N SER A 932 12.80 -21.48 19.10
CA SER A 932 12.26 -20.95 17.89
C SER A 932 10.82 -20.80 18.32
N VAL A 933 10.12 -21.89 18.50
CA VAL A 933 8.86 -21.80 19.19
C VAL A 933 8.63 -22.99 20.10
N LEU A 934 8.02 -22.74 21.25
CA LEU A 934 7.62 -23.73 22.24
C LEU A 934 6.11 -23.65 22.32
N LEU A 935 5.47 -24.76 22.59
CA LEU A 935 4.04 -24.79 22.67
C LEU A 935 3.78 -25.22 24.07
N LEU A 936 2.74 -24.73 24.71
CA LEU A 936 2.58 -24.97 26.14
C LEU A 936 1.13 -25.25 26.49
N ALA A 937 0.91 -25.83 27.66
CA ALA A 937 -0.44 -25.91 28.22
C ALA A 937 -0.48 -25.38 29.64
N TYR A 938 -1.67 -25.03 30.07
CA TYR A 938 -1.86 -24.76 31.43
C TYR A 938 -2.53 -26.01 31.95
N LYS A 939 -2.14 -26.46 33.14
CA LYS A 939 -2.81 -27.60 33.75
C LYS A 939 -3.56 -27.23 35.04
N PRO A 940 -4.91 -27.16 34.95
CA PRO A 940 -5.71 -27.02 36.17
C PRO A 940 -5.47 -28.27 37.06
N MET A 941 -4.19 -28.51 37.30
CA MET A 941 -3.73 -29.57 38.12
C MET A 941 -3.25 -28.76 39.28
N GLU A 942 -1.94 -28.69 39.46
CA GLU A 942 -1.34 -27.79 40.44
C GLU A 942 -1.26 -26.40 39.84
N GLY A 943 -2.04 -26.17 38.79
CA GLY A 943 -1.98 -24.92 38.07
C GLY A 943 -0.53 -24.76 37.67
N ASN A 944 -0.02 -25.80 37.03
CA ASN A 944 1.34 -25.80 36.49
C ASN A 944 1.39 -25.47 34.98
N PHE A 945 2.61 -25.18 34.51
CA PHE A 945 2.92 -25.25 33.08
C PHE A 945 3.60 -26.56 32.73
N GLU A 946 2.95 -27.30 31.85
CA GLU A 946 3.57 -28.39 31.10
C GLU A 946 3.96 -27.87 29.72
N GLU A 947 5.24 -28.02 29.37
CA GLU A 947 5.79 -27.63 28.05
C GLU A 947 5.53 -28.71 26.99
N ILE A 948 4.45 -28.58 26.20
CA ILE A 948 4.01 -29.64 25.26
C ILE A 948 4.99 -30.10 24.16
N ALA A 949 5.59 -29.15 23.46
CA ALA A 949 6.55 -29.45 22.39
C ALA A 949 7.30 -28.18 22.03
N ARG A 950 8.36 -28.34 21.24
CA ARG A 950 8.98 -27.20 20.58
C ARG A 950 9.56 -27.50 19.19
N ASP A 951 9.90 -26.43 18.48
CA ASP A 951 10.50 -26.53 17.20
C ASP A 951 11.95 -26.31 17.55
N PHE A 952 12.81 -27.06 16.86
CA PHE A 952 14.20 -27.17 17.22
C PHE A 952 15.02 -26.56 16.11
N ASN A 953 14.50 -25.49 15.53
CA ASN A 953 15.28 -24.72 14.56
C ASN A 953 15.75 -23.35 15.07
N PRO A 954 16.80 -22.85 14.47
CA PRO A 954 17.49 -21.65 14.97
C PRO A 954 16.87 -20.32 14.51
N ASN A 955 15.54 -20.28 14.46
CA ASN A 955 14.80 -19.12 13.97
C ASN A 955 14.77 -17.93 14.94
N TRP A 956 15.47 -16.82 14.64
CA TRP A 956 15.24 -15.57 15.38
C TRP A 956 13.86 -14.95 15.11
N MET A 957 12.89 -15.25 15.96
CA MET A 957 11.56 -14.76 15.73
C MET A 957 11.40 -13.24 15.77
N SER A 958 10.37 -12.80 15.07
CA SER A 958 9.89 -11.46 15.13
C SER A 958 8.39 -11.41 15.35
N ALA A 959 7.68 -12.46 14.92
CA ALA A 959 6.23 -12.52 15.05
C ALA A 959 5.76 -13.96 15.04
N VAL A 960 4.70 -14.27 15.79
CA VAL A 960 4.25 -15.63 16.09
C VAL A 960 2.73 -15.55 16.09
N GLU A 961 2.05 -16.58 15.62
CA GLU A 961 0.59 -16.59 15.72
C GLU A 961 0.06 -18.01 15.70
N ILE A 962 -1.14 -18.19 16.22
CA ILE A 962 -1.69 -19.51 16.28
C ILE A 962 -2.80 -19.56 15.24
N LEU A 963 -2.69 -20.46 14.27
CA LEU A 963 -3.74 -20.56 13.25
C LEU A 963 -4.92 -21.41 13.69
N ASP A 964 -4.62 -22.52 14.35
CA ASP A 964 -5.62 -23.38 14.93
C ASP A 964 -4.95 -24.33 15.92
N ASP A 965 -5.77 -25.12 16.61
CA ASP A 965 -5.25 -25.99 17.66
C ASP A 965 -3.89 -26.66 17.38
N ASP A 966 -3.54 -26.82 16.11
CA ASP A 966 -2.35 -27.58 15.75
C ASP A 966 -1.33 -26.75 14.98
N ASN A 967 -1.82 -25.87 14.11
CA ASN A 967 -0.99 -25.03 13.23
C ASN A 967 -0.52 -23.72 13.83
N PHE A 968 0.76 -23.45 13.69
CA PHE A 968 1.42 -22.29 14.26
C PHE A 968 2.24 -21.53 13.22
N LEU A 969 1.75 -20.32 12.92
CA LEU A 969 2.46 -19.34 12.08
C LEU A 969 3.59 -18.69 12.80
N GLY A 970 4.60 -18.31 12.06
CA GLY A 970 5.81 -17.85 12.69
C GLY A 970 6.52 -17.19 11.57
N ALA A 971 7.20 -16.09 11.90
CA ALA A 971 7.84 -15.20 10.96
C ALA A 971 9.14 -14.92 11.59
N GLU A 972 10.16 -14.66 10.79
CA GLU A 972 11.43 -14.47 11.42
C GLU A 972 12.47 -13.56 10.77
N ASN A 973 13.38 -13.06 11.59
CA ASN A 973 14.72 -12.61 11.25
C ASN A 973 15.05 -12.34 9.80
N ALA A 974 14.55 -13.19 8.92
CA ALA A 974 15.10 -13.29 7.58
C ALA A 974 14.00 -13.34 6.52
N PHE A 975 12.87 -12.77 6.86
CA PHE A 975 11.75 -12.64 5.94
C PHE A 975 11.19 -13.96 5.51
N ASN A 976 11.20 -14.94 6.42
CA ASN A 976 10.55 -16.19 6.09
C ASN A 976 9.37 -16.38 6.96
N LEU A 977 8.39 -17.11 6.46
CA LEU A 977 7.29 -17.55 7.23
C LEU A 977 7.43 -19.06 7.35
N PHE A 978 6.95 -19.62 8.46
CA PHE A 978 6.97 -21.05 8.62
C PHE A 978 5.85 -21.47 9.49
N VAL A 979 5.38 -22.68 9.27
CA VAL A 979 4.26 -23.14 10.04
C VAL A 979 4.71 -24.40 10.73
N CYS A 980 4.24 -24.59 11.95
CA CYS A 980 4.54 -25.79 12.66
C CYS A 980 3.28 -26.44 13.15
N GLN A 981 3.27 -27.77 13.08
CA GLN A 981 2.29 -28.56 13.83
C GLN A 981 2.96 -29.68 14.65
N LYS A 982 2.25 -30.23 15.63
CA LYS A 982 2.83 -31.30 16.47
C LYS A 982 2.85 -32.66 15.76
N ASP A 983 3.97 -33.36 15.88
CA ASP A 983 4.15 -34.60 15.16
C ASP A 983 3.22 -35.70 15.67
N SER A 984 2.10 -35.91 14.96
CA SER A 984 1.23 -37.07 15.21
C SER A 984 2.02 -38.36 14.90
N ALA A 985 2.60 -38.96 15.94
CA ALA A 985 3.51 -40.10 15.77
C ALA A 985 3.50 -41.08 16.95
N ALA A 986 3.89 -42.32 16.70
CA ALA A 986 4.11 -43.29 17.76
C ALA A 986 5.32 -42.86 18.60
N THR A 987 5.56 -43.56 19.72
CA THR A 987 6.76 -43.32 20.58
C THR A 987 6.72 -41.93 21.26
N THR A 988 5.51 -41.57 21.67
CA THR A 988 5.14 -40.20 21.99
C THR A 988 5.86 -39.64 23.23
N ASP A 989 7.16 -39.47 23.11
CA ASP A 989 7.98 -38.86 24.16
C ASP A 989 9.25 -38.24 23.61
N GLU A 990 9.45 -38.40 22.31
CA GLU A 990 10.48 -37.68 21.60
C GLU A 990 9.82 -37.08 20.38
N GLU A 991 9.26 -37.95 19.53
CA GLU A 991 8.53 -37.51 18.34
C GLU A 991 7.26 -36.75 18.72
N ARG A 992 7.16 -36.40 20.00
CA ARG A 992 6.03 -35.61 20.48
C ARG A 992 6.51 -34.31 21.10
N GLN A 993 7.71 -34.34 21.68
CA GLN A 993 8.35 -33.18 22.25
C GLN A 993 8.94 -32.28 21.14
N HIS A 994 8.73 -32.70 19.89
CA HIS A 994 9.27 -32.04 18.70
C HIS A 994 8.10 -31.77 17.77
N LEU A 995 8.06 -30.59 17.16
CA LEU A 995 6.95 -30.25 16.23
C LEU A 995 7.55 -29.78 14.92
N GLN A 996 7.07 -30.30 13.82
CA GLN A 996 7.88 -30.18 12.63
C GLN A 996 7.56 -28.95 11.83
N GLU A 997 8.56 -28.44 11.10
CA GLU A 997 8.36 -27.27 10.24
C GLU A 997 7.71 -27.62 8.90
N VAL A 998 6.37 -27.73 8.91
CA VAL A 998 5.57 -28.21 7.77
C VAL A 998 5.23 -27.22 6.65
N GLY A 999 5.44 -25.93 6.87
CA GLY A 999 5.15 -24.88 5.87
C GLY A 999 6.35 -23.94 5.85
N LEU A 1000 6.88 -23.67 4.68
CA LEU A 1000 8.08 -22.89 4.59
C LEU A 1000 7.80 -21.97 3.45
N PHE A 1001 8.28 -20.73 3.53
CA PHE A 1001 7.95 -19.71 2.56
C PHE A 1001 8.73 -18.45 2.78
N HIS A 1002 9.33 -17.92 1.74
CA HIS A 1002 10.01 -16.67 1.86
C HIS A 1002 9.08 -15.55 1.45
N LEU A 1003 8.60 -14.80 2.44
CA LEU A 1003 7.70 -13.68 2.20
C LEU A 1003 8.47 -12.56 1.58
N GLY A 1004 9.53 -12.13 2.24
CA GLY A 1004 10.39 -11.13 1.67
C GLY A 1004 10.04 -9.82 2.28
N GLU A 1005 9.35 -9.89 3.42
CA GLU A 1005 9.08 -8.76 4.26
C GLU A 1005 9.46 -9.12 5.69
N PHE A 1006 9.72 -8.14 6.55
CA PHE A 1006 9.98 -8.40 7.96
C PHE A 1006 8.67 -8.25 8.77
N VAL A 1007 8.17 -9.25 9.44
CA VAL A 1007 6.82 -9.13 9.96
C VAL A 1007 6.81 -8.67 11.44
N ASN A 1008 6.20 -7.52 11.76
CA ASN A 1008 5.99 -7.16 13.19
C ASN A 1008 4.77 -7.72 13.89
N VAL A 1009 3.65 -7.87 13.23
CA VAL A 1009 2.50 -8.27 14.01
C VAL A 1009 1.58 -9.17 13.22
N PHE A 1010 1.15 -10.23 13.83
CA PHE A 1010 0.07 -10.91 13.20
C PHE A 1010 -1.16 -10.51 13.98
N CYS A 1011 -2.33 -10.60 13.37
CA CYS A 1011 -3.51 -10.78 14.18
C CYS A 1011 -4.67 -11.33 13.42
N HIS A 1012 -5.62 -11.91 14.13
CA HIS A 1012 -6.82 -12.38 13.53
C HIS A 1012 -7.67 -11.17 13.30
N GLY A 1013 -8.40 -11.18 12.21
CA GLY A 1013 -9.16 -10.03 11.74
C GLY A 1013 -9.40 -10.22 10.25
N SER A 1014 -10.22 -9.36 9.66
CA SER A 1014 -10.44 -9.37 8.23
C SER A 1014 -11.05 -8.06 7.83
N LEU A 1015 -10.76 -7.62 6.61
CA LEU A 1015 -11.20 -6.32 6.23
C LEU A 1015 -12.45 -6.36 5.36
N VAL A 1016 -13.15 -7.48 5.31
CA VAL A 1016 -14.25 -7.53 4.37
C VAL A 1016 -15.58 -7.98 4.93
N MET A 1017 -16.56 -8.11 4.04
CA MET A 1017 -17.89 -8.68 4.33
C MET A 1017 -18.75 -7.74 5.17
N GLN A 1018 -19.99 -8.17 5.42
CA GLN A 1018 -21.06 -7.37 6.03
C GLN A 1018 -20.53 -6.33 7.03
N PRO A 1026 -14.10 -22.27 1.00
CA PRO A 1026 -13.05 -22.05 -0.04
C PRO A 1026 -11.72 -21.82 0.66
N THR A 1027 -11.83 -21.13 1.79
CA THR A 1027 -10.73 -20.87 2.71
C THR A 1027 -11.28 -20.82 4.14
N GLN A 1028 -10.37 -20.86 5.10
CA GLN A 1028 -10.70 -20.84 6.49
C GLN A 1028 -9.84 -19.76 7.16
N GLY A 1029 -10.39 -19.15 8.20
CA GLY A 1029 -9.67 -18.18 9.01
C GLY A 1029 -9.23 -16.97 8.21
N SER A 1030 -8.50 -16.09 8.90
CA SER A 1030 -7.93 -14.89 8.30
C SER A 1030 -7.05 -14.24 9.33
N VAL A 1031 -5.74 -14.25 9.04
CA VAL A 1031 -4.72 -13.65 9.90
C VAL A 1031 -3.99 -12.58 9.12
N LEU A 1032 -3.97 -11.37 9.63
CA LEU A 1032 -3.35 -10.32 8.89
C LEU A 1032 -2.07 -10.08 9.58
N PHE A 1033 -1.07 -9.60 8.83
CA PHE A 1033 0.23 -9.22 9.37
C PHE A 1033 0.65 -7.90 8.84
N GLY A 1034 1.54 -7.24 9.56
CA GLY A 1034 1.99 -5.92 9.13
C GLY A 1034 3.48 -5.92 9.25
N THR A 1035 4.11 -5.27 8.29
CA THR A 1035 5.53 -5.40 8.06
C THR A 1035 6.24 -4.06 8.19
N VAL A 1036 7.55 -4.13 8.32
CA VAL A 1036 8.40 -2.95 8.41
C VAL A 1036 8.25 -1.99 7.23
N ASN A 1037 7.68 -2.46 6.17
CA ASN A 1037 7.72 -1.78 4.90
C ASN A 1037 6.39 -1.17 4.53
N GLY A 1038 5.38 -1.55 5.30
CA GLY A 1038 4.05 -1.05 5.09
C GLY A 1038 3.19 -2.02 4.35
N MET A 1039 3.69 -3.23 4.17
CA MET A 1039 2.93 -4.26 3.54
C MET A 1039 1.90 -4.76 4.55
N ILE A 1040 0.67 -4.89 4.12
CA ILE A 1040 -0.27 -5.65 4.90
C ILE A 1040 -0.58 -6.89 4.09
N GLY A 1041 -0.20 -8.05 4.59
CA GLY A 1041 -0.61 -9.29 3.96
C GLY A 1041 -1.74 -9.97 4.71
N LEU A 1042 -2.00 -11.24 4.35
CA LEU A 1042 -3.03 -12.05 4.96
C LEU A 1042 -2.73 -13.55 4.85
N VAL A 1043 -2.84 -14.33 5.90
CA VAL A 1043 -2.73 -15.76 5.71
C VAL A 1043 -4.02 -16.52 6.01
N THR A 1044 -4.42 -17.37 5.07
CA THR A 1044 -5.60 -18.20 5.20
C THR A 1044 -5.21 -19.64 5.07
N SER A 1045 -6.04 -20.52 5.61
CA SER A 1045 -5.90 -21.99 5.46
C SER A 1045 -6.59 -22.54 4.18
N LEU A 1046 -6.37 -23.81 3.87
CA LEU A 1046 -6.97 -24.38 2.67
C LEU A 1046 -7.37 -25.82 2.88
N SER A 1047 -8.20 -26.33 1.97
CA SER A 1047 -8.40 -27.76 1.82
C SER A 1047 -7.23 -28.36 1.03
N GLU A 1048 -6.79 -29.56 1.41
CA GLU A 1048 -5.76 -30.30 0.65
C GLU A 1048 -6.04 -30.28 -0.85
N SER A 1049 -7.30 -30.42 -1.21
CA SER A 1049 -7.70 -30.40 -2.60
C SER A 1049 -7.49 -29.02 -3.24
N TRP A 1050 -7.98 -28.00 -2.53
CA TRP A 1050 -7.74 -26.62 -2.90
C TRP A 1050 -6.27 -26.26 -2.92
N TYR A 1051 -5.51 -26.72 -1.93
CA TYR A 1051 -4.07 -26.57 -1.95
C TYR A 1051 -3.64 -27.08 -3.30
N ASN A 1052 -3.91 -28.35 -3.55
CA ASN A 1052 -3.45 -29.05 -4.77
C ASN A 1052 -3.77 -28.38 -6.10
N LEU A 1053 -5.06 -28.15 -6.38
CA LEU A 1053 -5.44 -27.44 -7.56
C LEU A 1053 -4.49 -26.25 -7.74
N LEU A 1054 -4.42 -25.41 -6.70
CA LEU A 1054 -3.61 -24.18 -6.71
C LEU A 1054 -2.09 -24.39 -6.87
N LEU A 1055 -1.57 -25.47 -6.29
CA LEU A 1055 -0.14 -25.73 -6.35
C LEU A 1055 0.21 -26.10 -7.80
N ASP A 1056 -0.66 -26.88 -8.42
CA ASP A 1056 -0.49 -27.20 -9.81
C ASP A 1056 -0.58 -25.85 -10.52
N MET A 1057 -1.73 -25.21 -10.39
CA MET A 1057 -2.03 -23.95 -11.05
C MET A 1057 -0.86 -22.96 -10.98
N GLN A 1058 -0.09 -23.06 -9.90
CA GLN A 1058 1.07 -22.22 -9.68
C GLN A 1058 2.19 -22.62 -10.62
N ASN A 1059 2.51 -23.91 -10.62
CA ASN A 1059 3.60 -24.45 -11.41
C ASN A 1059 3.33 -24.19 -12.88
N ARG A 1060 2.09 -24.47 -13.31
CA ARG A 1060 1.64 -24.17 -14.67
C ARG A 1060 1.79 -22.69 -14.93
N LEU A 1061 1.26 -21.89 -14.01
CA LEU A 1061 1.27 -20.43 -14.14
C LEU A 1061 2.63 -19.84 -14.30
N ASN A 1062 3.64 -20.55 -13.85
CA ASN A 1062 4.97 -20.03 -13.98
C ASN A 1062 5.51 -20.11 -15.39
N LYS A 1063 5.65 -21.33 -15.93
CA LYS A 1063 6.01 -21.53 -17.35
C LYS A 1063 5.43 -20.43 -18.26
N VAL A 1064 4.12 -20.23 -18.18
CA VAL A 1064 3.43 -19.17 -18.94
C VAL A 1064 3.97 -17.75 -18.69
N ILE A 1065 4.10 -17.37 -17.40
CA ILE A 1065 4.59 -16.04 -17.00
C ILE A 1065 6.11 -15.82 -17.11
N LYS A 1066 6.45 -14.86 -17.97
CA LYS A 1066 7.77 -14.28 -18.02
C LYS A 1066 7.99 -13.33 -16.82
N SER A 1067 8.89 -13.73 -15.91
CA SER A 1067 9.24 -12.91 -14.77
C SER A 1067 10.12 -11.82 -15.30
N VAL A 1068 10.40 -10.81 -14.51
CA VAL A 1068 11.29 -9.76 -14.91
C VAL A 1068 12.64 -9.99 -14.31
N GLY A 1069 13.68 -10.01 -15.13
CA GLY A 1069 15.00 -10.21 -14.61
C GLY A 1069 15.16 -11.68 -14.68
N LYS A 1070 14.17 -12.30 -15.29
CA LYS A 1070 14.16 -13.73 -15.51
C LYS A 1070 14.51 -14.41 -14.24
N ILE A 1071 14.01 -13.87 -13.15
CA ILE A 1071 14.04 -14.55 -11.83
C ILE A 1071 13.00 -15.66 -11.70
N GLU A 1072 13.46 -16.79 -11.18
CA GLU A 1072 12.68 -18.01 -10.97
C GLU A 1072 11.75 -17.86 -9.76
N HIS A 1073 10.43 -17.86 -10.00
CA HIS A 1073 9.45 -17.73 -8.90
C HIS A 1073 9.76 -18.54 -7.68
N SER A 1074 10.15 -19.79 -7.88
CA SER A 1074 10.45 -20.70 -6.79
C SER A 1074 11.79 -20.41 -6.17
N PHE A 1075 12.70 -19.78 -6.88
CA PHE A 1075 13.94 -19.41 -6.23
C PHE A 1075 13.67 -18.31 -5.19
N TRP A 1076 12.87 -17.35 -5.64
CA TRP A 1076 12.33 -16.29 -4.84
C TRP A 1076 11.62 -16.89 -3.65
N ARG A 1077 10.60 -17.73 -3.85
CA ARG A 1077 9.78 -18.17 -2.71
C ARG A 1077 10.47 -19.12 -1.74
N SER A 1078 11.76 -19.30 -1.91
CA SER A 1078 12.35 -20.38 -1.17
C SER A 1078 12.90 -19.93 0.14
N PHE A 1079 12.53 -20.70 1.16
CA PHE A 1079 12.99 -20.51 2.51
C PHE A 1079 14.45 -20.33 2.49
N HIS A 1080 14.96 -19.41 3.25
CA HIS A 1080 16.33 -19.07 3.16
C HIS A 1080 16.84 -18.26 4.31
N THR A 1081 17.75 -18.84 5.03
CA THR A 1081 18.44 -18.18 6.10
C THR A 1081 19.79 -18.46 5.63
N GLU A 1082 20.70 -17.54 5.80
CA GLU A 1082 22.02 -17.71 5.25
C GLU A 1082 22.29 -19.18 5.23
N ARG A 1083 22.75 -19.71 6.34
CA ARG A 1083 22.83 -21.13 6.37
C ARG A 1083 21.93 -22.21 5.98
N LYS A 1084 21.00 -21.90 5.13
CA LYS A 1084 20.09 -22.96 4.74
C LYS A 1084 19.14 -22.46 3.67
N THR A 1085 18.84 -23.33 2.70
CA THR A 1085 17.83 -23.01 1.68
C THR A 1085 17.04 -24.24 1.22
N GLU A 1086 15.81 -24.39 1.74
CA GLU A 1086 14.82 -25.32 1.20
C GLU A 1086 13.81 -24.62 0.28
N PRO A 1087 13.06 -25.37 -0.54
CA PRO A 1087 12.06 -24.64 -1.27
C PRO A 1087 10.81 -24.53 -0.44
N ALA A 1088 9.83 -23.78 -0.93
CA ALA A 1088 8.60 -23.50 -0.19
C ALA A 1088 7.70 -24.71 -0.19
N THR A 1089 7.22 -25.10 0.97
CA THR A 1089 6.10 -26.01 0.98
C THR A 1089 5.00 -25.39 1.80
N GLY A 1090 3.77 -25.77 1.52
CA GLY A 1090 2.63 -25.44 2.38
C GLY A 1090 2.14 -24.01 2.29
N PHE A 1091 2.75 -23.26 1.38
CA PHE A 1091 2.36 -21.90 1.15
C PHE A 1091 2.02 -21.60 -0.30
N ILE A 1092 1.24 -20.55 -0.52
CA ILE A 1092 0.74 -20.23 -1.85
C ILE A 1092 0.69 -18.70 -2.05
N ASP A 1093 1.40 -18.11 -3.02
CA ASP A 1093 0.95 -16.73 -3.26
C ASP A 1093 -0.17 -16.65 -4.20
N GLY A 1094 -1.31 -16.36 -3.60
CA GLY A 1094 -2.44 -15.81 -4.31
C GLY A 1094 -1.99 -14.60 -5.09
N ASP A 1095 -0.93 -13.94 -4.63
CA ASP A 1095 -0.33 -12.85 -5.36
C ASP A 1095 -0.02 -13.32 -6.74
N LEU A 1096 0.42 -14.57 -6.84
CA LEU A 1096 0.82 -15.22 -8.09
C LEU A 1096 -0.38 -15.88 -8.70
N ILE A 1097 -1.17 -16.55 -7.88
CA ILE A 1097 -2.44 -17.04 -8.37
C ILE A 1097 -3.18 -15.88 -9.03
N GLU A 1098 -3.44 -14.80 -8.29
CA GLU A 1098 -4.10 -13.61 -8.83
C GLU A 1098 -3.48 -13.10 -10.13
N SER A 1099 -2.22 -13.44 -10.37
CA SER A 1099 -1.58 -13.10 -11.64
C SER A 1099 -2.41 -13.60 -12.82
N PHE A 1100 -2.86 -14.86 -12.74
CA PHE A 1100 -3.76 -15.45 -13.71
C PHE A 1100 -4.66 -14.45 -14.44
N LEU A 1101 -5.49 -13.69 -13.72
CA LEU A 1101 -6.44 -12.75 -14.34
C LEU A 1101 -5.81 -11.80 -15.32
N ASP A 1102 -4.52 -11.51 -15.13
CA ASP A 1102 -3.85 -10.51 -15.94
C ASP A 1102 -3.16 -11.19 -17.12
N ILE A 1103 -3.62 -12.41 -17.39
CA ILE A 1103 -3.13 -13.17 -18.51
C ILE A 1103 -4.20 -13.24 -19.62
N SER A 1104 -3.74 -13.04 -20.84
CA SER A 1104 -4.59 -13.16 -22.02
C SER A 1104 -5.19 -14.58 -22.10
N ARG A 1105 -6.40 -14.68 -22.64
CA ARG A 1105 -7.12 -15.97 -22.69
C ARG A 1105 -6.35 -17.19 -23.29
N PRO A 1106 -5.55 -16.96 -24.37
CA PRO A 1106 -4.60 -17.98 -24.90
C PRO A 1106 -3.57 -18.55 -23.90
N LYS A 1107 -2.69 -17.67 -23.41
CA LYS A 1107 -1.75 -17.94 -22.33
C LYS A 1107 -2.46 -18.52 -21.10
N MET A 1108 -3.77 -18.35 -21.07
CA MET A 1108 -4.60 -18.75 -19.97
C MET A 1108 -5.06 -20.16 -20.23
N GLN A 1109 -5.54 -20.40 -21.46
CA GLN A 1109 -5.89 -21.74 -21.95
C GLN A 1109 -4.77 -22.70 -21.60
N GLU A 1110 -3.61 -22.45 -22.22
CA GLU A 1110 -2.35 -23.15 -21.93
C GLU A 1110 -2.26 -23.73 -20.54
N VAL A 1111 -2.59 -22.90 -19.55
CA VAL A 1111 -2.53 -23.25 -18.14
C VAL A 1111 -3.38 -24.50 -17.85
N VAL A 1112 -4.23 -24.86 -18.80
CA VAL A 1112 -4.91 -26.14 -18.74
C VAL A 1112 -4.58 -27.10 -19.90
N ALA A 1113 -4.86 -28.36 -19.64
CA ALA A 1113 -4.48 -29.47 -20.46
C ALA A 1113 -5.04 -30.56 -19.59
N ASN A 1114 -5.21 -30.19 -18.32
CA ASN A 1114 -5.96 -30.93 -17.29
C ASN A 1114 -6.09 -30.11 -15.98
N ARG A 1125 -13.96 -35.52 -10.62
CA ARG A 1125 -12.82 -34.68 -11.00
C ARG A 1125 -12.81 -34.26 -12.49
N GLU A 1126 -12.54 -32.96 -12.71
CA GLU A 1126 -12.59 -32.33 -14.05
C GLU A 1126 -11.43 -31.34 -14.33
N ALA A 1127 -11.44 -30.78 -15.54
CA ALA A 1127 -10.43 -29.84 -16.01
C ALA A 1127 -11.05 -28.90 -17.05
N THR A 1128 -11.18 -27.61 -16.71
CA THR A 1128 -11.79 -26.61 -17.61
C THR A 1128 -10.83 -25.54 -18.09
N ALA A 1129 -11.40 -24.42 -18.58
CA ALA A 1129 -10.66 -23.33 -19.21
C ALA A 1129 -11.01 -22.00 -18.56
N ASP A 1130 -12.26 -21.88 -18.15
CA ASP A 1130 -12.76 -20.63 -17.55
C ASP A 1130 -13.48 -20.86 -16.21
N ASP A 1131 -13.37 -22.09 -15.70
CA ASP A 1131 -13.77 -22.36 -14.33
C ASP A 1131 -12.79 -21.60 -13.45
N LEU A 1132 -11.51 -21.82 -13.71
CA LEU A 1132 -10.44 -21.37 -12.83
C LEU A 1132 -10.38 -19.86 -12.76
N ILE A 1133 -10.48 -19.22 -13.92
CA ILE A 1133 -10.64 -17.78 -14.04
C ILE A 1133 -11.83 -17.22 -13.22
N LYS A 1134 -12.54 -18.11 -12.52
CA LYS A 1134 -13.64 -17.75 -11.63
C LYS A 1134 -13.45 -18.37 -10.25
N VAL A 1135 -12.56 -19.36 -10.17
CA VAL A 1135 -12.08 -19.84 -8.87
C VAL A 1135 -11.16 -18.76 -8.29
N VAL A 1136 -10.37 -18.11 -9.17
CA VAL A 1136 -9.47 -17.01 -8.77
C VAL A 1136 -10.23 -15.80 -8.25
N GLU A 1137 -11.27 -15.38 -9.00
CA GLU A 1137 -12.16 -14.30 -8.55
C GLU A 1137 -12.58 -14.53 -7.11
N GLU A 1138 -13.22 -15.68 -6.90
CA GLU A 1138 -13.81 -16.01 -5.62
C GLU A 1138 -12.78 -16.00 -4.52
N LEU A 1139 -11.52 -15.78 -4.86
CA LEU A 1139 -10.48 -15.63 -3.84
C LEU A 1139 -10.21 -14.17 -3.64
N THR A 1140 -10.02 -13.42 -4.72
CA THR A 1140 -9.68 -11.99 -4.60
C THR A 1140 -10.51 -11.27 -3.53
N ARG A 1141 -11.73 -11.75 -3.30
CA ARG A 1141 -12.61 -11.10 -2.35
C ARG A 1141 -12.41 -11.60 -0.91
N ILE A 1142 -11.35 -12.36 -0.67
CA ILE A 1142 -10.90 -12.73 0.68
C ILE A 1142 -10.37 -11.49 1.43
N HIS A 1143 -9.92 -10.50 0.66
CA HIS A 1143 -9.70 -9.16 1.19
C HIS A 1143 -10.34 -8.12 0.26
N SER B 1 21.09 -2.22 25.43
CA SER B 1 20.33 -3.38 25.78
C SER B 1 20.00 -4.03 24.51
N LEU B 2 19.17 -5.07 24.58
CA LEU B 2 18.64 -5.70 23.38
C LEU B 2 17.33 -5.01 23.07
N VAL B 3 16.90 -4.17 24.00
CA VAL B 3 15.68 -3.38 23.84
C VAL B 3 15.88 -2.29 22.80
N TYR B 4 17.04 -1.64 22.85
CA TYR B 4 17.34 -0.60 21.87
C TYR B 4 17.42 -1.21 20.47
N TYR B 5 17.48 -2.52 20.54
CA TYR B 5 17.74 -3.42 19.46
C TYR B 5 16.54 -4.08 18.96
N LEU B 6 15.64 -4.45 19.83
CA LEU B 6 14.46 -5.01 19.29
C LEU B 6 13.76 -3.85 18.66
N LYS B 7 13.71 -2.76 19.38
CA LYS B 7 12.97 -1.59 18.98
C LYS B 7 13.49 -1.07 17.73
N ASN B 8 14.67 -1.49 17.40
CA ASN B 8 15.39 -0.94 16.30
C ASN B 8 15.05 -1.79 15.10
N ARG B 9 15.47 -3.02 15.15
CA ARG B 9 15.06 -3.93 14.17
C ARG B 9 13.61 -3.69 13.97
N GLU B 10 12.95 -3.06 14.98
CA GLU B 10 11.53 -2.75 14.96
C GLU B 10 11.18 -1.96 13.69
N VAL B 11 11.72 -0.75 13.59
CA VAL B 11 11.48 0.10 12.43
C VAL B 11 12.13 -0.54 11.19
N ARG B 12 13.40 -0.91 11.32
CA ARG B 12 14.12 -1.54 10.23
C ARG B 12 15.49 -0.91 10.04
N LEU B 13 16.50 -1.73 9.77
CA LEU B 13 17.85 -1.25 9.57
C LEU B 13 18.06 0.11 10.22
#